data_3SCU
#
_entry.id   3SCU
#
_cell.length_a   79.468
_cell.length_b   100.782
_cell.length_c   127.211
_cell.angle_alpha   90.00
_cell.angle_beta   90.00
_cell.angle_gamma   90.00
#
_symmetry.space_group_name_H-M   'P 21 21 21'
#
loop_
_entity.id
_entity.type
_entity.pdbx_description
1 polymer 'Beta-glucosidase 7'
2 branched beta-D-glucopyranose-(1-4)-beta-D-glucopyranose-(1-4)-beta-D-glucopyranose-(1-4)-beta-D-glucopyranose-(1-4)-beta-D-glucopyranose
3 non-polymer 'ZINC ION'
4 non-polymer 'SULFATE ION'
5 non-polymer '2-(N-MORPHOLINO)-ETHANESULFONIC ACID'
6 water water
#
_entity_poly.entity_id   1
_entity_poly.type   'polypeptide(L)'
_entity_poly.pdbx_seq_one_letter_code
;AMADVVPKPNWLGGLSRAAFPKRFVFGTVTSAYQVEGMAASGGRGPSIWDAFAHTPGNVAGNQNGDVATDQYHRYKEDVN
LMKSLNFDAYRFSISWSRIFPDGEGRVNQEGVAYYNNLINYLLQKGITPYVNLYHYDLPLALEKKYGGWLNAKMADLFTE
YADFCFKTFGNRVKHWFTFNEPRIVALLGYDQGTNPPKRCTKCAAGGNSATEPYIVAHNFLLSHAAAVARYRTKYQAAQQ
GKVGIVLDFNWYEALSNSTEDQAAAQRARDFHIGWYLDPLINGHYPQIMQDLVKDRLPKFTPEQARLVKGSADYIGINQY
TASYMKGQQLMQQTPTSYSADWQVTYVFAKNGKPIGPQANSNWLYIVPWGMYGCVNYIKQKYGNPTVVITGNGMDQPANL
SRDQYLRDTTRVHFYRSYLTQLKKAIDEGANVAGYFAWSLLDNFEWLSGYTSKFGIVYVDFNTLERHPKASAYWFRDMLK
H
;
_entity_poly.pdbx_strand_id   A,B
#
# COMPACT_ATOMS: atom_id res chain seq x y z
N ASN A 10 34.18 -21.61 -5.45
CA ASN A 10 33.58 -20.27 -5.26
C ASN A 10 32.08 -20.48 -5.19
N TRP A 11 31.37 -19.58 -4.52
CA TRP A 11 29.94 -19.79 -4.21
C TRP A 11 29.03 -19.80 -5.45
N LEU A 12 29.54 -19.26 -6.55
CA LEU A 12 28.85 -19.35 -7.84
C LEU A 12 29.00 -20.71 -8.52
N GLY A 13 29.96 -21.50 -8.06
CA GLY A 13 30.18 -22.83 -8.64
C GLY A 13 30.45 -22.76 -10.14
N GLY A 14 31.15 -21.71 -10.56
CA GLY A 14 31.50 -21.55 -11.97
C GLY A 14 30.39 -21.00 -12.84
N LEU A 15 29.25 -20.66 -12.24
CA LEU A 15 28.16 -20.08 -13.01
C LEU A 15 28.30 -18.57 -13.17
N SER A 16 27.86 -18.11 -14.33
CA SER A 16 27.82 -16.70 -14.72
C SER A 16 27.03 -16.64 -16.02
N ARG A 17 26.79 -15.44 -16.53
CA ARG A 17 26.15 -15.31 -17.83
C ARG A 17 26.96 -15.98 -18.95
N ALA A 18 28.29 -15.98 -18.81
CA ALA A 18 29.17 -16.64 -19.79
C ALA A 18 28.94 -18.15 -19.86
N ALA A 19 28.35 -18.72 -18.80
CA ALA A 19 28.09 -20.16 -18.73
C ALA A 19 26.81 -20.57 -19.44
N PHE A 20 26.03 -19.58 -19.86
CA PHE A 20 24.77 -19.81 -20.57
C PHE A 20 24.83 -19.21 -21.98
N PRO A 21 23.89 -19.61 -22.85
CA PRO A 21 23.93 -19.10 -24.24
C PRO A 21 23.86 -17.58 -24.32
N LYS A 22 24.42 -17.03 -25.40
CA LYS A 22 24.32 -15.61 -25.67
C LYS A 22 22.84 -15.24 -25.68
N ARG A 23 22.52 -14.13 -25.03
CA ARG A 23 21.15 -13.58 -24.99
C ARG A 23 20.17 -14.41 -24.12
N PHE A 24 20.69 -15.40 -23.41
CA PHE A 24 19.82 -16.18 -22.50
C PHE A 24 19.20 -15.23 -21.48
N VAL A 25 17.89 -15.40 -21.26
CA VAL A 25 17.11 -14.50 -20.41
C VAL A 25 17.00 -15.01 -18.98
N PHE A 26 17.37 -14.16 -18.02
CA PHE A 26 17.18 -14.46 -16.60
C PHE A 26 16.16 -13.53 -15.98
N GLY A 27 15.23 -14.11 -15.23
CA GLY A 27 14.19 -13.29 -14.59
C GLY A 27 13.74 -13.83 -13.25
N THR A 28 12.77 -13.13 -12.65
CA THR A 28 12.02 -13.62 -11.49
C THR A 28 10.54 -13.59 -11.83
N VAL A 29 9.75 -14.25 -11.00
CA VAL A 29 8.34 -14.48 -11.27
C VAL A 29 7.47 -14.16 -10.06
N THR A 30 6.31 -13.58 -10.31
CA THR A 30 5.25 -13.50 -9.32
C THR A 30 3.94 -13.83 -10.04
N SER A 31 2.82 -13.85 -9.30
CA SER A 31 1.49 -13.86 -9.92
C SER A 31 0.63 -12.82 -9.23
N ALA A 32 -0.43 -12.38 -9.91
CA ALA A 32 -1.24 -11.23 -9.47
C ALA A 32 -1.81 -11.42 -8.06
N TYR A 33 -2.54 -12.50 -7.85
CA TYR A 33 -3.19 -12.65 -6.54
C TYR A 33 -2.16 -12.87 -5.45
N GLN A 34 -1.02 -13.46 -5.80
CA GLN A 34 -0.01 -13.78 -4.80
C GLN A 34 0.79 -12.57 -4.30
N VAL A 35 0.84 -11.49 -5.10
CA VAL A 35 1.64 -10.32 -4.69
C VAL A 35 0.96 -8.97 -4.73
N GLU A 36 -0.07 -8.79 -5.56
CA GLU A 36 -0.55 -7.40 -5.79
C GLU A 36 -1.17 -6.75 -4.58
N GLY A 37 -1.99 -7.50 -3.85
CA GLY A 37 -2.90 -6.88 -2.91
C GLY A 37 -3.95 -6.07 -3.64
N MET A 38 -4.50 -5.08 -2.96
CA MET A 38 -5.63 -4.30 -3.48
C MET A 38 -6.70 -5.21 -4.13
N ALA A 39 -7.02 -6.29 -3.42
CA ALA A 39 -7.86 -7.34 -4.00
C ALA A 39 -9.28 -6.86 -4.24
N ALA A 40 -9.75 -5.97 -3.38
CA ALA A 40 -11.12 -5.43 -3.47
C ALA A 40 -11.09 -3.93 -3.62
N SER A 41 -10.01 -3.44 -4.19
CA SER A 41 -9.82 -2.02 -4.36
C SER A 41 -9.33 -1.73 -5.78
N GLY A 42 -9.28 -0.46 -6.14
CA GLY A 42 -8.86 -0.09 -7.47
C GLY A 42 -9.79 -0.58 -8.57
N GLY A 43 -11.03 -0.88 -8.17
CA GLY A 43 -12.03 -1.36 -9.12
C GLY A 43 -12.02 -2.85 -9.37
N ARG A 44 -11.09 -3.58 -8.74
CA ARG A 44 -10.97 -5.03 -9.01
C ARG A 44 -12.20 -5.78 -8.54
N GLY A 45 -12.73 -6.67 -9.39
CA GLY A 45 -13.79 -7.59 -8.97
C GLY A 45 -13.21 -8.86 -8.37
N PRO A 46 -14.02 -9.62 -7.63
CA PRO A 46 -13.45 -10.82 -6.98
C PRO A 46 -13.13 -11.94 -7.95
N SER A 47 -12.09 -12.71 -7.62
CA SER A 47 -11.82 -13.97 -8.30
C SER A 47 -12.32 -15.13 -7.46
N ILE A 48 -12.25 -16.33 -8.05
CA ILE A 48 -12.60 -17.54 -7.31
C ILE A 48 -11.70 -17.72 -6.09
N TRP A 49 -10.47 -17.20 -6.17
CA TRP A 49 -9.56 -17.26 -5.03
C TRP A 49 -9.91 -16.29 -3.90
N ASP A 50 -10.51 -15.15 -4.23
CA ASP A 50 -10.97 -14.23 -3.18
C ASP A 50 -12.05 -14.90 -2.33
N ALA A 51 -13.06 -15.47 -3.00
CA ALA A 51 -14.14 -16.18 -2.31
C ALA A 51 -13.58 -17.35 -1.50
N PHE A 52 -12.70 -18.12 -2.12
CA PHE A 52 -12.14 -19.30 -1.46
C PHE A 52 -11.34 -18.90 -0.21
N ALA A 53 -10.47 -17.91 -0.35
CA ALA A 53 -9.59 -17.53 0.75
C ALA A 53 -10.33 -16.85 1.90
N HIS A 54 -11.48 -16.24 1.61
CA HIS A 54 -12.27 -15.57 2.64
C HIS A 54 -13.21 -16.52 3.39
N THR A 55 -13.20 -17.80 3.03
CA THR A 55 -14.01 -18.80 3.71
C THR A 55 -13.16 -19.42 4.84
N PRO A 56 -13.64 -19.34 6.10
CA PRO A 56 -12.83 -19.90 7.20
C PRO A 56 -12.44 -21.35 6.95
N GLY A 57 -11.17 -21.67 7.25
CA GLY A 57 -10.64 -23.02 7.14
C GLY A 57 -9.94 -23.37 5.84
N ASN A 58 -10.16 -22.57 4.80
CA ASN A 58 -9.62 -22.92 3.49
C ASN A 58 -8.13 -22.68 3.37
N VAL A 59 -7.64 -21.61 4.00
CA VAL A 59 -6.24 -21.25 3.93
C VAL A 59 -5.62 -21.27 5.32
N ALA A 60 -4.34 -21.62 5.40
CA ALA A 60 -3.60 -21.54 6.66
C ALA A 60 -3.84 -20.21 7.37
N GLY A 61 -4.22 -20.28 8.65
CA GLY A 61 -4.45 -19.08 9.45
C GLY A 61 -5.60 -18.20 8.98
N ASN A 62 -6.46 -18.75 8.13
CA ASN A 62 -7.55 -17.98 7.47
C ASN A 62 -7.03 -16.74 6.77
N GLN A 63 -5.84 -16.85 6.20
CA GLN A 63 -5.25 -15.70 5.52
C GLN A 63 -5.74 -15.60 4.10
N ASN A 64 -5.51 -14.44 3.49
CA ASN A 64 -5.96 -14.19 2.13
C ASN A 64 -5.02 -13.23 1.43
N GLY A 65 -5.30 -12.96 0.16
CA GLY A 65 -4.49 -12.03 -0.62
C GLY A 65 -4.98 -10.59 -0.64
N ASP A 66 -5.79 -10.18 0.34
CA ASP A 66 -6.34 -8.79 0.28
C ASP A 66 -5.24 -7.75 0.14
N VAL A 67 -4.17 -7.95 0.91
CA VAL A 67 -3.01 -7.04 0.90
C VAL A 67 -1.78 -7.72 0.29
N ALA A 68 -1.55 -9.00 0.62
CA ALA A 68 -0.38 -9.73 0.08
C ALA A 68 0.89 -8.92 0.31
N THR A 69 1.69 -8.72 -0.74
CA THR A 69 2.89 -7.90 -0.60
C THR A 69 2.66 -6.43 -0.92
N ASP A 70 1.43 -6.09 -1.31
CA ASP A 70 1.08 -4.72 -1.73
C ASP A 70 1.97 -4.23 -2.88
N GLN A 71 2.33 -5.14 -3.80
CA GLN A 71 3.09 -4.71 -4.97
C GLN A 71 2.31 -3.64 -5.77
N TYR A 72 0.98 -3.63 -5.66
CA TYR A 72 0.18 -2.62 -6.34
C TYR A 72 0.66 -1.19 -6.02
N HIS A 73 1.01 -0.94 -4.76
CA HIS A 73 1.48 0.40 -4.39
C HIS A 73 3.00 0.55 -4.54
N ARG A 74 3.72 -0.57 -4.45
CA ARG A 74 5.17 -0.57 -4.28
C ARG A 74 5.91 -1.07 -5.52
N TYR A 75 5.25 -1.15 -6.67
CA TYR A 75 5.87 -1.81 -7.82
C TYR A 75 7.19 -1.17 -8.27
N LYS A 76 7.33 0.15 -8.11
CA LYS A 76 8.59 0.78 -8.51
C LYS A 76 9.73 0.37 -7.58
N GLU A 77 9.44 0.18 -6.29
CA GLU A 77 10.45 -0.37 -5.40
C GLU A 77 10.88 -1.76 -5.90
N ASP A 78 9.90 -2.60 -6.23
CA ASP A 78 10.20 -3.97 -6.60
C ASP A 78 10.93 -4.06 -7.95
N VAL A 79 10.58 -3.19 -8.89
CA VAL A 79 11.27 -3.15 -10.19
C VAL A 79 12.69 -2.63 -9.98
N ASN A 80 12.86 -1.61 -9.16
CA ASN A 80 14.21 -1.14 -8.84
C ASN A 80 15.05 -2.27 -8.26
N LEU A 81 14.45 -3.07 -7.40
CA LEU A 81 15.17 -4.16 -6.75
C LEU A 81 15.59 -5.22 -7.77
N MET A 82 14.67 -5.65 -8.63
CA MET A 82 15.05 -6.68 -9.59
C MET A 82 16.14 -6.19 -10.54
N LYS A 83 16.11 -4.89 -10.88
CA LYS A 83 17.15 -4.34 -11.74
C LYS A 83 18.50 -4.33 -11.01
N SER A 84 18.47 -3.95 -9.73
CA SER A 84 19.69 -3.97 -8.91
C SER A 84 20.31 -5.37 -8.76
N LEU A 85 19.47 -6.40 -8.91
CA LEU A 85 19.94 -7.79 -8.80
C LEU A 85 20.33 -8.37 -10.17
N ASN A 86 20.35 -7.52 -11.18
CA ASN A 86 20.89 -7.86 -12.53
C ASN A 86 20.02 -8.81 -13.35
N PHE A 87 18.73 -8.90 -13.01
CA PHE A 87 17.81 -9.64 -13.86
C PHE A 87 17.48 -8.89 -15.14
N ASP A 88 17.10 -9.64 -16.18
CA ASP A 88 16.76 -9.11 -17.51
C ASP A 88 15.26 -8.97 -17.74
N ALA A 89 14.47 -9.75 -16.98
CA ALA A 89 13.06 -9.92 -17.30
C ALA A 89 12.27 -10.15 -16.04
N TYR A 90 10.96 -9.93 -16.14
CA TYR A 90 10.05 -10.15 -15.03
C TYR A 90 8.82 -10.83 -15.55
N ARG A 91 8.52 -12.01 -15.02
CA ARG A 91 7.28 -12.71 -15.34
C ARG A 91 6.25 -12.37 -14.27
N PHE A 92 5.13 -11.80 -14.69
CA PHE A 92 4.05 -11.47 -13.76
C PHE A 92 2.75 -11.76 -14.49
N SER A 93 1.63 -11.71 -13.78
CA SER A 93 0.35 -11.93 -14.44
C SER A 93 -0.58 -10.74 -14.32
N ILE A 94 -1.48 -10.67 -15.29
CA ILE A 94 -2.58 -9.71 -15.26
C ILE A 94 -3.77 -10.40 -14.60
N SER A 95 -4.36 -9.74 -13.59
CA SER A 95 -5.59 -10.25 -12.99
C SER A 95 -6.78 -9.93 -13.89
N TRP A 96 -7.41 -10.98 -14.41
CA TRP A 96 -8.56 -10.85 -15.30
C TRP A 96 -9.63 -9.96 -14.67
N SER A 97 -9.96 -10.23 -13.40
CA SER A 97 -11.01 -9.45 -12.72
C SER A 97 -10.56 -8.03 -12.32
N ARG A 98 -9.27 -7.72 -12.45
CA ARG A 98 -8.86 -6.32 -12.28
C ARG A 98 -9.11 -5.51 -13.56
N ILE A 99 -9.06 -6.18 -14.71
CA ILE A 99 -9.39 -5.57 -16.00
C ILE A 99 -10.89 -5.56 -16.28
N PHE A 100 -11.51 -6.74 -16.15
CA PHE A 100 -12.97 -6.93 -16.33
C PHE A 100 -13.52 -7.44 -15.00
N PRO A 101 -14.08 -6.57 -14.16
CA PRO A 101 -14.52 -7.04 -12.85
C PRO A 101 -15.54 -8.19 -12.91
N ASP A 102 -16.34 -8.23 -13.97
CA ASP A 102 -17.28 -9.33 -14.17
C ASP A 102 -16.80 -10.38 -15.16
N GLY A 103 -15.56 -10.23 -15.64
CA GLY A 103 -14.96 -11.20 -16.55
C GLY A 103 -15.31 -10.99 -18.03
N GLU A 104 -16.25 -10.08 -18.26
CA GLU A 104 -16.77 -9.73 -19.58
C GLU A 104 -17.44 -8.38 -19.41
N GLY A 105 -17.62 -7.66 -20.52
CA GLY A 105 -18.34 -6.39 -20.46
C GLY A 105 -17.48 -5.20 -20.07
N ARG A 106 -17.81 -4.57 -18.96
CA ARG A 106 -17.23 -3.29 -18.58
C ARG A 106 -15.74 -3.41 -18.22
N VAL A 107 -14.94 -2.50 -18.78
CA VAL A 107 -13.51 -2.41 -18.48
C VAL A 107 -13.28 -1.49 -17.29
N ASN A 108 -12.45 -1.95 -16.35
CA ASN A 108 -12.04 -1.16 -15.21
C ASN A 108 -10.79 -0.36 -15.58
N GLN A 109 -10.99 0.91 -15.92
CA GLN A 109 -9.89 1.72 -16.44
C GLN A 109 -8.76 1.87 -15.43
N GLU A 110 -9.10 1.90 -14.15
CA GLU A 110 -8.06 2.03 -13.12
C GLU A 110 -7.15 0.79 -13.12
N GLY A 111 -7.73 -0.38 -13.39
CA GLY A 111 -6.93 -1.61 -13.49
C GLY A 111 -6.01 -1.59 -14.69
N VAL A 112 -6.54 -1.15 -15.83
CA VAL A 112 -5.74 -0.99 -17.05
C VAL A 112 -4.57 -0.05 -16.79
N ALA A 113 -4.84 1.05 -16.06
CA ALA A 113 -3.80 2.01 -15.76
C ALA A 113 -2.68 1.41 -14.91
N TYR A 114 -3.03 0.58 -13.93
CA TYR A 114 -2.00 -0.12 -13.14
C TYR A 114 -1.04 -0.91 -14.04
N TYR A 115 -1.57 -1.76 -14.90
CA TYR A 115 -0.68 -2.58 -15.73
C TYR A 115 0.10 -1.73 -16.73
N ASN A 116 -0.52 -0.66 -17.24
CA ASN A 116 0.26 0.25 -18.08
C ASN A 116 1.44 0.83 -17.31
N ASN A 117 1.18 1.27 -16.08
CA ASN A 117 2.23 1.87 -15.27
C ASN A 117 3.36 0.89 -14.96
N LEU A 118 2.97 -0.36 -14.66
CA LEU A 118 3.93 -1.40 -14.37
C LEU A 118 4.77 -1.74 -15.61
N ILE A 119 4.09 -1.98 -16.73
CA ILE A 119 4.78 -2.31 -17.98
C ILE A 119 5.74 -1.17 -18.38
N ASN A 120 5.24 0.05 -18.28
CA ASN A 120 6.06 1.19 -18.70
C ASN A 120 7.26 1.37 -17.81
N TYR A 121 7.10 1.12 -16.51
CA TYR A 121 8.23 1.28 -15.60
C TYR A 121 9.26 0.19 -15.84
N LEU A 122 8.79 -1.05 -16.02
CA LEU A 122 9.69 -2.16 -16.37
C LEU A 122 10.55 -1.79 -17.58
N LEU A 123 9.90 -1.32 -18.64
CA LEU A 123 10.63 -0.99 -19.87
C LEU A 123 11.60 0.17 -19.65
N GLN A 124 11.17 1.16 -18.88
CA GLN A 124 12.02 2.30 -18.52
C GLN A 124 13.31 1.83 -17.85
N LYS A 125 13.19 0.78 -17.02
CA LYS A 125 14.32 0.26 -16.25
C LYS A 125 15.07 -0.86 -16.97
N GLY A 126 14.68 -1.14 -18.22
CA GLY A 126 15.35 -2.16 -19.00
C GLY A 126 15.02 -3.59 -18.60
N ILE A 127 13.84 -3.79 -18.07
CA ILE A 127 13.41 -5.14 -17.68
C ILE A 127 12.30 -5.60 -18.63
N THR A 128 12.49 -6.74 -19.28
CA THR A 128 11.51 -7.23 -20.26
C THR A 128 10.29 -7.86 -19.59
N PRO A 129 9.09 -7.35 -19.89
CA PRO A 129 7.90 -7.98 -19.33
C PRO A 129 7.50 -9.29 -20.01
N TYR A 130 7.32 -10.33 -19.21
CA TYR A 130 6.80 -11.62 -19.68
C TYR A 130 5.47 -11.77 -18.96
N VAL A 131 4.37 -11.75 -19.70
CA VAL A 131 3.07 -11.50 -19.08
C VAL A 131 2.12 -12.68 -19.24
N ASN A 132 1.75 -13.26 -18.10
CA ASN A 132 0.71 -14.28 -18.05
C ASN A 132 -0.67 -13.65 -18.00
N LEU A 133 -1.59 -14.18 -18.81
CA LEU A 133 -2.96 -13.68 -18.79
C LEU A 133 -3.77 -14.27 -17.66
N TYR A 134 -3.39 -15.45 -17.20
CA TYR A 134 -4.19 -16.18 -16.23
C TYR A 134 -3.33 -16.97 -15.25
N HIS A 135 -3.60 -16.80 -13.97
CA HIS A 135 -2.87 -17.51 -12.95
C HIS A 135 -3.81 -17.87 -11.79
N TYR A 136 -4.68 -18.86 -12.06
CA TYR A 136 -5.65 -19.44 -11.12
C TYR A 136 -6.83 -18.54 -10.75
N ASP A 137 -6.88 -17.34 -11.29
CA ASP A 137 -7.72 -16.29 -10.72
C ASP A 137 -8.93 -15.93 -11.59
N LEU A 138 -9.66 -16.96 -12.01
CA LEU A 138 -10.90 -16.75 -12.76
C LEU A 138 -11.81 -15.75 -12.05
N PRO A 139 -12.35 -14.75 -12.79
CA PRO A 139 -13.36 -13.88 -12.19
C PRO A 139 -14.51 -14.70 -11.61
N LEU A 140 -14.88 -14.36 -10.38
CA LEU A 140 -15.92 -15.11 -9.69
C LEU A 140 -17.21 -15.08 -10.49
N ALA A 141 -17.47 -13.95 -11.15
CA ALA A 141 -18.69 -13.83 -11.94
C ALA A 141 -18.78 -14.87 -13.04
N LEU A 142 -17.64 -15.25 -13.63
CA LEU A 142 -17.63 -16.26 -14.69
C LEU A 142 -17.82 -17.67 -14.14
N GLU A 143 -17.28 -17.93 -12.95
CA GLU A 143 -17.52 -19.21 -12.28
C GLU A 143 -19.02 -19.38 -12.03
N LYS A 144 -19.63 -18.36 -11.46
CA LYS A 144 -21.07 -18.42 -11.14
C LYS A 144 -21.98 -18.46 -12.38
N LYS A 145 -21.65 -17.67 -13.40
CA LYS A 145 -22.55 -17.53 -14.55
C LYS A 145 -22.41 -18.67 -15.54
N TYR A 146 -21.18 -19.14 -15.73
CA TYR A 146 -20.88 -20.11 -16.79
C TYR A 146 -20.41 -21.48 -16.29
N GLY A 147 -20.02 -21.56 -15.01
CA GLY A 147 -19.45 -22.79 -14.48
C GLY A 147 -17.96 -22.91 -14.74
N GLY A 148 -17.33 -21.78 -15.04
CA GLY A 148 -15.87 -21.75 -15.22
C GLY A 148 -15.38 -22.76 -16.26
N TRP A 149 -14.27 -23.42 -15.94
CA TRP A 149 -13.57 -24.24 -16.94
C TRP A 149 -14.25 -25.53 -17.32
N LEU A 150 -15.38 -25.83 -16.70
CA LEU A 150 -16.22 -26.93 -17.16
C LEU A 150 -16.97 -26.57 -18.46
N ASN A 151 -17.06 -25.27 -18.74
CA ASN A 151 -17.84 -24.77 -19.87
C ASN A 151 -16.96 -24.46 -21.07
N ALA A 152 -17.24 -25.13 -22.19
CA ALA A 152 -16.52 -24.85 -23.44
C ALA A 152 -16.56 -23.37 -23.89
N LYS A 153 -17.57 -22.63 -23.41
CA LYS A 153 -17.71 -21.19 -23.69
C LYS A 153 -16.52 -20.39 -23.16
N MET A 154 -15.75 -20.98 -22.26
CA MET A 154 -14.54 -20.32 -21.78
C MET A 154 -13.60 -19.94 -22.91
N ALA A 155 -13.58 -20.72 -23.99
CA ALA A 155 -12.68 -20.37 -25.09
C ALA A 155 -13.03 -18.99 -25.64
N ASP A 156 -14.32 -18.71 -25.82
CA ASP A 156 -14.78 -17.40 -26.30
C ASP A 156 -14.49 -16.31 -25.27
N LEU A 157 -14.82 -16.58 -24.01
CA LEU A 157 -14.65 -15.59 -22.94
C LEU A 157 -13.18 -15.24 -22.74
N PHE A 158 -12.32 -16.26 -22.75
CA PHE A 158 -10.89 -16.03 -22.59
C PHE A 158 -10.29 -15.31 -23.81
N THR A 159 -10.74 -15.71 -25.01
CA THR A 159 -10.25 -15.05 -26.23
C THR A 159 -10.58 -13.57 -26.22
N GLU A 160 -11.78 -13.20 -25.77
CA GLU A 160 -12.14 -11.77 -25.76
C GLU A 160 -11.31 -10.97 -24.75
N TYR A 161 -11.04 -11.60 -23.60
CA TYR A 161 -10.14 -11.02 -22.62
C TYR A 161 -8.72 -10.89 -23.16
N ALA A 162 -8.23 -11.95 -23.78
CA ALA A 162 -6.89 -11.93 -24.38
C ALA A 162 -6.80 -10.85 -25.44
N ASP A 163 -7.82 -10.77 -26.30
CA ASP A 163 -7.87 -9.76 -27.37
C ASP A 163 -7.69 -8.36 -26.78
N PHE A 164 -8.44 -8.06 -25.72
CA PHE A 164 -8.32 -6.76 -25.07
C PHE A 164 -6.89 -6.51 -24.60
N CYS A 165 -6.28 -7.51 -23.96
CA CYS A 165 -4.92 -7.34 -23.47
C CYS A 165 -3.92 -7.15 -24.61
N PHE A 166 -4.06 -7.93 -25.68
CA PHE A 166 -3.18 -7.74 -26.84
C PHE A 166 -3.32 -6.32 -27.39
N LYS A 167 -4.56 -5.88 -27.57
CA LYS A 167 -4.81 -4.53 -28.11
C LYS A 167 -4.21 -3.44 -27.22
N THR A 168 -4.39 -3.61 -25.92
CA THR A 168 -4.12 -2.55 -24.96
C THR A 168 -2.64 -2.48 -24.57
N PHE A 169 -1.99 -3.65 -24.51
CA PHE A 169 -0.62 -3.71 -24.03
C PHE A 169 0.40 -4.24 -25.03
N GLY A 170 -0.07 -4.86 -26.12
CA GLY A 170 0.82 -5.59 -27.01
C GLY A 170 1.76 -4.78 -27.89
N ASN A 171 1.57 -3.47 -27.98
CA ASN A 171 2.57 -2.63 -28.63
C ASN A 171 3.87 -2.57 -27.83
N ARG A 172 3.77 -2.89 -26.53
CA ARG A 172 4.91 -2.90 -25.62
C ARG A 172 5.29 -4.30 -25.14
N VAL A 173 4.27 -5.12 -24.84
CA VAL A 173 4.49 -6.51 -24.40
C VAL A 173 4.67 -7.44 -25.61
N LYS A 174 5.80 -8.12 -25.66
CA LYS A 174 6.14 -8.98 -26.78
C LYS A 174 6.27 -10.46 -26.39
N HIS A 175 6.12 -10.75 -25.10
CA HIS A 175 6.25 -12.10 -24.60
C HIS A 175 5.07 -12.39 -23.69
N TRP A 176 4.13 -13.20 -24.18
CA TRP A 176 2.89 -13.52 -23.47
C TRP A 176 2.86 -14.99 -23.09
N PHE A 177 2.13 -15.31 -22.02
CA PHE A 177 1.67 -16.66 -21.76
C PHE A 177 0.17 -16.60 -21.54
N THR A 178 -0.55 -17.63 -21.98
CA THR A 178 -1.99 -17.69 -21.72
C THR A 178 -2.23 -18.15 -20.28
N PHE A 179 -1.92 -19.41 -20.01
CA PHE A 179 -2.20 -20.03 -18.72
C PHE A 179 -0.97 -20.40 -17.91
N ASN A 180 -1.20 -20.52 -16.60
CA ASN A 180 -0.22 -21.05 -15.66
C ASN A 180 -0.68 -22.37 -15.07
N GLU A 181 0.05 -23.43 -15.39
CA GLU A 181 -0.15 -24.74 -14.76
C GLU A 181 -1.60 -25.23 -14.76
N PRO A 182 -2.19 -25.38 -15.96
CA PRO A 182 -3.55 -25.90 -16.05
C PRO A 182 -3.67 -27.29 -15.41
N ARG A 183 -2.59 -28.08 -15.40
CA ARG A 183 -2.67 -29.38 -14.72
C ARG A 183 -3.06 -29.24 -13.26
N ILE A 184 -2.53 -28.21 -12.61
CA ILE A 184 -2.78 -28.02 -11.18
C ILE A 184 -4.23 -27.57 -10.94
N VAL A 185 -4.77 -26.74 -11.84
CA VAL A 185 -6.19 -26.40 -11.77
C VAL A 185 -7.04 -27.66 -11.89
N ALA A 186 -6.72 -28.50 -12.86
CA ALA A 186 -7.48 -29.73 -13.06
C ALA A 186 -7.36 -30.64 -11.83
N LEU A 187 -6.13 -30.82 -11.35
CA LEU A 187 -5.86 -31.73 -10.25
C LEU A 187 -6.47 -31.24 -8.94
N LEU A 188 -6.13 -30.01 -8.54
CA LEU A 188 -6.55 -29.56 -7.22
C LEU A 188 -7.98 -29.03 -7.19
N GLY A 189 -8.41 -28.45 -8.30
CA GLY A 189 -9.74 -27.89 -8.37
C GLY A 189 -10.83 -28.91 -8.67
N TYR A 190 -10.49 -30.01 -9.34
CA TYR A 190 -11.51 -30.90 -9.88
C TYR A 190 -11.30 -32.39 -9.64
N ASP A 191 -10.10 -32.77 -9.22
CA ASP A 191 -9.80 -34.16 -8.84
C ASP A 191 -9.84 -34.27 -7.31
N GLN A 192 -8.91 -33.59 -6.64
CA GLN A 192 -8.83 -33.64 -5.18
C GLN A 192 -9.83 -32.68 -4.52
N GLY A 193 -10.19 -31.62 -5.23
CA GLY A 193 -11.15 -30.65 -4.72
C GLY A 193 -10.65 -29.81 -3.54
N THR A 194 -9.34 -29.58 -3.46
CA THR A 194 -8.78 -28.79 -2.38
C THR A 194 -8.55 -27.33 -2.74
N ASN A 195 -8.58 -27.02 -4.04
CA ASN A 195 -8.45 -25.64 -4.54
C ASN A 195 -9.78 -25.27 -5.20
N PRO A 196 -10.05 -23.97 -5.39
CA PRO A 196 -11.33 -23.59 -6.01
C PRO A 196 -11.44 -24.20 -7.42
N PRO A 197 -12.64 -24.66 -7.81
CA PRO A 197 -13.95 -24.54 -7.15
C PRO A 197 -14.28 -25.62 -6.10
N LYS A 198 -13.28 -26.35 -5.63
CA LYS A 198 -13.46 -27.44 -4.64
C LYS A 198 -14.41 -28.53 -5.12
N ARG A 199 -14.21 -28.96 -6.37
CA ARG A 199 -15.05 -30.02 -6.92
C ARG A 199 -14.32 -31.35 -6.90
N CYS A 200 -15.08 -32.40 -6.60
CA CYS A 200 -14.55 -33.76 -6.59
C CYS A 200 -15.71 -34.70 -6.35
N THR A 201 -15.46 -35.99 -6.44
CA THR A 201 -16.56 -36.96 -6.29
C THR A 201 -17.25 -36.84 -4.93
N LYS A 202 -16.46 -36.73 -3.86
CA LYS A 202 -17.07 -36.61 -2.51
C LYS A 202 -17.45 -35.18 -2.07
N CYS A 203 -17.19 -34.18 -2.92
CA CYS A 203 -17.19 -32.78 -2.49
C CYS A 203 -18.58 -32.15 -2.34
N ALA A 204 -18.70 -31.26 -1.36
CA ALA A 204 -19.94 -30.51 -1.12
C ALA A 204 -20.43 -29.73 -2.35
N ALA A 205 -19.48 -29.14 -3.09
CA ALA A 205 -19.80 -28.34 -4.26
C ALA A 205 -20.24 -29.19 -5.45
N GLY A 206 -20.09 -30.50 -5.32
CA GLY A 206 -20.36 -31.41 -6.42
C GLY A 206 -19.08 -31.81 -7.13
N GLY A 207 -19.23 -32.55 -8.22
CA GLY A 207 -18.07 -32.92 -9.02
C GLY A 207 -17.94 -34.41 -9.30
N ASN A 208 -16.86 -34.74 -10.02
CA ASN A 208 -16.59 -36.09 -10.42
C ASN A 208 -15.11 -36.13 -10.78
N SER A 209 -14.33 -36.74 -9.90
CA SER A 209 -12.87 -36.72 -10.02
C SER A 209 -12.38 -37.52 -11.25
N ALA A 210 -13.23 -38.37 -11.80
CA ALA A 210 -12.85 -39.21 -12.94
C ALA A 210 -13.11 -38.55 -14.29
N THR A 211 -13.92 -37.49 -14.28
CA THR A 211 -14.31 -36.87 -15.56
C THR A 211 -13.94 -35.40 -15.66
N GLU A 212 -14.20 -34.64 -14.60
CA GLU A 212 -14.04 -33.19 -14.66
C GLU A 212 -12.59 -32.72 -14.91
N PRO A 213 -11.57 -33.40 -14.33
CA PRO A 213 -10.22 -32.94 -14.66
C PRO A 213 -9.94 -32.94 -16.16
N TYR A 214 -10.46 -33.95 -16.85
CA TYR A 214 -10.25 -34.06 -18.30
C TYR A 214 -11.00 -33.01 -19.10
N ILE A 215 -12.23 -32.69 -18.66
CA ILE A 215 -13.03 -31.64 -19.31
C ILE A 215 -12.30 -30.29 -19.16
N VAL A 216 -11.82 -30.04 -17.96
CA VAL A 216 -11.15 -28.78 -17.63
C VAL A 216 -9.86 -28.62 -18.47
N ALA A 217 -9.04 -29.67 -18.52
CA ALA A 217 -7.78 -29.61 -19.30
C ALA A 217 -8.08 -29.35 -20.76
N HIS A 218 -9.12 -30.01 -21.28
CA HIS A 218 -9.52 -29.86 -22.66
C HIS A 218 -9.91 -28.42 -22.94
N ASN A 219 -10.67 -27.80 -22.02
CA ASN A 219 -11.09 -26.43 -22.22
C ASN A 219 -9.94 -25.44 -22.11
N PHE A 220 -8.96 -25.72 -21.26
CA PHE A 220 -7.75 -24.89 -21.24
C PHE A 220 -7.01 -24.98 -22.57
N LEU A 221 -6.86 -26.18 -23.12
CA LEU A 221 -6.18 -26.34 -24.41
C LEU A 221 -6.94 -25.63 -25.54
N LEU A 222 -8.25 -25.81 -25.59
CA LEU A 222 -9.06 -25.13 -26.62
C LEU A 222 -9.03 -23.61 -26.48
N SER A 223 -9.05 -23.13 -25.24
CA SER A 223 -9.01 -21.69 -24.96
C SER A 223 -7.65 -21.07 -25.32
N HIS A 224 -6.59 -21.79 -24.96
CA HIS A 224 -5.25 -21.37 -25.35
C HIS A 224 -5.19 -21.24 -26.88
N ALA A 225 -5.64 -22.28 -27.58
CA ALA A 225 -5.54 -22.30 -29.04
C ALA A 225 -6.36 -21.18 -29.67
N ALA A 226 -7.53 -20.90 -29.10
CA ALA A 226 -8.38 -19.83 -29.64
C ALA A 226 -7.74 -18.47 -29.45
N ALA A 227 -7.17 -18.24 -28.27
CA ALA A 227 -6.52 -16.96 -27.99
C ALA A 227 -5.31 -16.73 -28.91
N VAL A 228 -4.52 -17.77 -29.14
CA VAL A 228 -3.34 -17.69 -30.02
C VAL A 228 -3.77 -17.48 -31.47
N ALA A 229 -4.83 -18.16 -31.90
CA ALA A 229 -5.38 -17.91 -33.24
C ALA A 229 -5.78 -16.44 -33.41
N ARG A 230 -6.42 -15.87 -32.39
CA ARG A 230 -6.74 -14.44 -32.42
C ARG A 230 -5.47 -13.58 -32.48
N TYR A 231 -4.48 -13.89 -31.66
CA TYR A 231 -3.24 -13.12 -31.72
C TYR A 231 -2.64 -13.13 -33.13
N ARG A 232 -2.56 -14.32 -33.70
CA ARG A 232 -1.87 -14.50 -34.98
C ARG A 232 -2.62 -13.86 -36.14
N THR A 233 -3.94 -13.94 -36.10
CA THR A 233 -4.73 -13.41 -37.20
C THR A 233 -4.95 -11.91 -37.12
N LYS A 234 -4.93 -11.35 -35.91
CA LYS A 234 -5.28 -9.93 -35.72
C LYS A 234 -4.14 -9.02 -35.28
N TYR A 235 -3.23 -9.52 -34.43
CA TYR A 235 -2.25 -8.66 -33.77
C TYR A 235 -0.81 -8.89 -34.16
N GLN A 236 -0.47 -10.11 -34.59
CA GLN A 236 0.92 -10.49 -34.76
C GLN A 236 1.64 -9.66 -35.82
N ALA A 237 0.96 -9.39 -36.94
CA ALA A 237 1.62 -8.66 -38.03
C ALA A 237 2.18 -7.32 -37.55
N ALA A 238 1.36 -6.59 -36.79
CA ALA A 238 1.75 -5.29 -36.26
C ALA A 238 2.68 -5.42 -35.05
N GLN A 239 2.37 -6.35 -34.15
CA GLN A 239 3.05 -6.36 -32.84
C GLN A 239 4.32 -7.20 -32.80
N GLN A 240 4.33 -8.29 -33.57
CA GLN A 240 5.53 -9.11 -33.75
C GLN A 240 6.08 -9.67 -32.43
N GLY A 241 5.15 -10.09 -31.56
CA GLY A 241 5.46 -10.77 -30.31
C GLY A 241 5.13 -12.24 -30.39
N LYS A 242 5.11 -12.89 -29.23
CA LYS A 242 4.99 -14.34 -29.13
C LYS A 242 4.03 -14.67 -28.00
N VAL A 243 3.36 -15.81 -28.11
CA VAL A 243 2.47 -16.30 -27.05
C VAL A 243 2.80 -17.76 -26.76
N GLY A 244 3.05 -18.06 -25.49
CA GLY A 244 3.22 -19.46 -25.09
C GLY A 244 2.25 -19.83 -23.97
N ILE A 245 2.62 -20.88 -23.24
CA ILE A 245 1.82 -21.41 -22.14
C ILE A 245 2.80 -21.93 -21.08
N VAL A 246 2.40 -21.90 -19.81
CA VAL A 246 3.22 -22.40 -18.70
C VAL A 246 2.65 -23.70 -18.16
N LEU A 247 3.48 -24.74 -18.17
CA LEU A 247 3.08 -26.07 -17.72
C LEU A 247 4.01 -26.52 -16.61
N ASP A 248 3.45 -27.08 -15.53
CA ASP A 248 4.33 -27.67 -14.51
C ASP A 248 4.80 -29.03 -14.96
N PHE A 249 6.05 -29.33 -14.67
CA PHE A 249 6.59 -30.65 -14.97
C PHE A 249 7.58 -31.01 -13.87
N ASN A 250 7.22 -31.97 -13.04
CA ASN A 250 8.19 -32.54 -12.11
C ASN A 250 8.65 -33.87 -12.66
N TRP A 251 9.88 -34.23 -12.38
CA TRP A 251 10.47 -35.42 -12.99
C TRP A 251 9.98 -36.72 -12.36
N TYR A 252 9.93 -37.77 -13.18
CA TYR A 252 9.62 -39.13 -12.70
C TYR A 252 10.74 -40.03 -13.15
N GLU A 253 11.32 -40.74 -12.19
CA GLU A 253 12.43 -41.65 -12.45
C GLU A 253 12.04 -43.07 -12.07
N ALA A 254 12.21 -44.01 -12.98
CA ALA A 254 11.88 -45.41 -12.65
C ALA A 254 12.65 -45.87 -11.41
N LEU A 255 11.95 -46.54 -10.50
CA LEU A 255 12.58 -47.03 -9.27
C LEU A 255 13.67 -48.05 -9.56
N SER A 256 13.45 -48.87 -10.57
CA SER A 256 14.43 -49.85 -11.04
C SER A 256 14.41 -49.90 -12.56
N ASN A 257 15.32 -50.66 -13.15
CA ASN A 257 15.31 -50.84 -14.60
C ASN A 257 14.36 -51.92 -15.11
N SER A 258 13.46 -52.40 -14.24
CA SER A 258 12.43 -53.33 -14.67
C SER A 258 11.51 -52.72 -15.73
N THR A 259 10.98 -53.57 -16.61
CA THR A 259 10.06 -53.13 -17.65
C THR A 259 8.88 -52.41 -17.01
N GLU A 260 8.40 -52.97 -15.90
CA GLU A 260 7.26 -52.45 -15.17
C GLU A 260 7.52 -51.06 -14.59
N ASP A 261 8.69 -50.85 -14.00
CA ASP A 261 9.00 -49.58 -13.36
C ASP A 261 9.30 -48.51 -14.40
N GLN A 262 10.00 -48.89 -15.47
CA GLN A 262 10.23 -47.96 -16.58
C GLN A 262 8.91 -47.53 -17.23
N ALA A 263 7.99 -48.48 -17.38
CA ALA A 263 6.66 -48.17 -17.95
C ALA A 263 5.90 -47.21 -17.04
N ALA A 264 6.02 -47.42 -15.73
CA ALA A 264 5.31 -46.56 -14.77
C ALA A 264 5.84 -45.14 -14.83
N ALA A 265 7.16 -44.98 -14.83
CA ALA A 265 7.73 -43.63 -14.90
C ALA A 265 7.30 -42.94 -16.19
N GLN A 266 7.24 -43.68 -17.30
CA GLN A 266 6.81 -43.08 -18.55
C GLN A 266 5.32 -42.72 -18.56
N ARG A 267 4.49 -43.56 -17.94
CA ARG A 267 3.06 -43.27 -17.80
C ARG A 267 2.87 -41.98 -17.03
N ALA A 268 3.64 -41.82 -15.95
CA ALA A 268 3.56 -40.62 -15.13
C ALA A 268 3.95 -39.39 -15.95
N ARG A 269 5.03 -39.49 -16.73
CA ARG A 269 5.42 -38.36 -17.59
C ARG A 269 4.29 -37.98 -18.54
N ASP A 270 3.69 -39.00 -19.19
CA ASP A 270 2.61 -38.76 -20.12
C ASP A 270 1.36 -38.15 -19.49
N PHE A 271 0.98 -38.62 -18.29
CA PHE A 271 -0.21 -38.06 -17.61
C PHE A 271 0.08 -36.69 -16.99
N HIS A 272 1.35 -36.37 -16.80
CA HIS A 272 1.73 -35.10 -16.15
C HIS A 272 1.96 -33.99 -17.18
N ILE A 273 2.98 -34.17 -18.02
CA ILE A 273 3.32 -33.18 -19.03
C ILE A 273 2.77 -33.51 -20.43
N GLY A 274 2.72 -34.80 -20.77
CA GLY A 274 2.24 -35.17 -22.10
C GLY A 274 0.80 -34.78 -22.34
N TRP A 275 0.02 -34.80 -21.25
CA TRP A 275 -1.38 -34.40 -21.28
C TRP A 275 -1.57 -33.10 -22.04
N TYR A 276 -0.62 -32.17 -21.86
CA TYR A 276 -0.65 -30.86 -22.54
C TYR A 276 0.29 -30.76 -23.73
N LEU A 277 1.49 -31.35 -23.60
CA LEU A 277 2.50 -31.21 -24.66
C LEU A 277 2.21 -32.05 -25.88
N ASP A 278 1.63 -33.25 -25.73
CA ASP A 278 1.27 -33.99 -26.93
C ASP A 278 0.22 -33.23 -27.78
N PRO A 279 -0.81 -32.64 -27.14
CA PRO A 279 -1.67 -31.81 -27.98
C PRO A 279 -0.95 -30.60 -28.59
N LEU A 280 -0.17 -29.89 -27.80
CA LEU A 280 0.46 -28.65 -28.29
C LEU A 280 1.51 -28.87 -29.35
N ILE A 281 2.22 -29.99 -29.27
CA ILE A 281 3.29 -30.29 -30.23
C ILE A 281 2.82 -31.23 -31.34
N ASN A 282 2.03 -32.23 -30.97
CA ASN A 282 1.70 -33.31 -31.89
C ASN A 282 0.23 -33.36 -32.33
N GLY A 283 -0.61 -32.55 -31.72
CA GLY A 283 -2.04 -32.49 -32.09
C GLY A 283 -2.89 -33.67 -31.61
N HIS A 284 -2.44 -34.37 -30.58
CA HIS A 284 -3.24 -35.44 -29.99
C HIS A 284 -2.85 -35.63 -28.53
N TYR A 285 -3.76 -36.22 -27.75
CA TYR A 285 -3.40 -36.64 -26.40
C TYR A 285 -2.42 -37.83 -26.43
N PRO A 286 -1.64 -38.03 -25.36
CA PRO A 286 -0.77 -39.20 -25.31
C PRO A 286 -1.57 -40.48 -25.54
N GLN A 287 -0.98 -41.41 -26.27
CA GLN A 287 -1.62 -42.70 -26.52
C GLN A 287 -2.06 -43.41 -25.25
N ILE A 288 -1.21 -43.40 -24.23
CA ILE A 288 -1.53 -44.12 -23.00
C ILE A 288 -2.77 -43.53 -22.31
N MET A 289 -2.93 -42.21 -22.42
CA MET A 289 -4.14 -41.60 -21.87
C MET A 289 -5.37 -41.98 -22.67
N GLN A 290 -5.23 -42.01 -24.00
CA GLN A 290 -6.34 -42.47 -24.83
C GLN A 290 -6.71 -43.91 -24.47
N ASP A 291 -5.69 -44.74 -24.26
CA ASP A 291 -5.90 -46.17 -23.98
C ASP A 291 -6.55 -46.43 -22.64
N LEU A 292 -6.17 -45.66 -21.62
CA LEU A 292 -6.60 -45.92 -20.24
C LEU A 292 -7.83 -45.11 -19.84
N VAL A 293 -7.90 -43.86 -20.31
CA VAL A 293 -8.99 -42.96 -19.92
C VAL A 293 -10.21 -43.13 -20.84
N LYS A 294 -9.95 -43.56 -22.07
CA LYS A 294 -10.99 -43.94 -23.01
C LYS A 294 -12.05 -42.85 -23.18
N ASP A 295 -13.33 -43.20 -22.98
CA ASP A 295 -14.44 -42.29 -23.21
C ASP A 295 -14.45 -41.05 -22.30
N ARG A 296 -13.70 -41.11 -21.20
CA ARG A 296 -13.62 -39.98 -20.29
C ARG A 296 -12.65 -38.90 -20.79
N LEU A 297 -11.85 -39.23 -21.81
CA LEU A 297 -10.95 -38.24 -22.38
C LEU A 297 -11.61 -37.61 -23.60
N PRO A 298 -11.86 -36.28 -23.57
CA PRO A 298 -12.52 -35.68 -24.73
C PRO A 298 -11.66 -35.85 -25.99
N LYS A 299 -12.33 -35.85 -27.14
CA LYS A 299 -11.66 -36.03 -28.42
C LYS A 299 -11.61 -34.70 -29.14
N PHE A 300 -10.42 -34.27 -29.56
CA PHE A 300 -10.32 -33.14 -30.46
C PHE A 300 -10.87 -33.54 -31.81
N THR A 301 -11.67 -32.68 -32.43
CA THR A 301 -11.96 -32.82 -33.86
C THR A 301 -10.66 -32.57 -34.63
N PRO A 302 -10.59 -33.05 -35.90
CA PRO A 302 -9.40 -32.74 -36.70
C PRO A 302 -9.10 -31.22 -36.75
N GLU A 303 -10.14 -30.40 -36.88
CA GLU A 303 -9.97 -28.96 -36.94
C GLU A 303 -9.44 -28.39 -35.63
N GLN A 304 -9.99 -28.83 -34.50
CA GLN A 304 -9.48 -28.40 -33.20
C GLN A 304 -8.04 -28.82 -32.97
N ALA A 305 -7.73 -30.08 -33.31
CA ALA A 305 -6.37 -30.60 -33.16
C ALA A 305 -5.38 -29.75 -33.97
N ARG A 306 -5.80 -29.31 -35.17
CA ARG A 306 -4.94 -28.50 -36.03
C ARG A 306 -4.80 -27.08 -35.47
N LEU A 307 -5.80 -26.63 -34.72
CA LEU A 307 -5.70 -25.31 -34.07
C LEU A 307 -4.77 -25.36 -32.84
N VAL A 308 -4.85 -26.46 -32.10
CA VAL A 308 -4.02 -26.65 -30.91
C VAL A 308 -2.56 -26.95 -31.26
N LYS A 309 -2.34 -27.83 -32.23
CA LYS A 309 -0.97 -28.17 -32.62
C LYS A 309 -0.25 -26.92 -33.13
N GLY A 310 0.95 -26.71 -32.60
CA GLY A 310 1.81 -25.58 -32.98
C GLY A 310 1.38 -24.25 -32.41
N SER A 311 0.44 -24.26 -31.48
CA SER A 311 -0.14 -23.01 -30.96
C SER A 311 0.65 -22.37 -29.81
N ALA A 312 1.80 -22.95 -29.45
CA ALA A 312 2.66 -22.31 -28.44
C ALA A 312 4.00 -21.92 -29.08
N ASP A 313 4.31 -20.62 -29.03
CA ASP A 313 5.58 -20.14 -29.59
C ASP A 313 6.80 -20.56 -28.77
N TYR A 314 6.58 -20.86 -27.50
CA TYR A 314 7.59 -21.44 -26.61
C TYR A 314 6.81 -22.15 -25.52
N ILE A 315 7.46 -23.12 -24.89
CA ILE A 315 6.84 -23.86 -23.80
C ILE A 315 7.45 -23.40 -22.50
N GLY A 316 6.64 -22.79 -21.64
CA GLY A 316 7.09 -22.48 -20.28
C GLY A 316 6.98 -23.74 -19.44
N ILE A 317 8.08 -24.09 -18.77
CA ILE A 317 8.09 -25.21 -17.83
C ILE A 317 8.42 -24.71 -16.43
N ASN A 318 7.53 -24.99 -15.49
CA ASN A 318 7.82 -24.83 -14.08
C ASN A 318 8.31 -26.16 -13.53
N GLN A 319 9.54 -26.17 -13.03
CA GLN A 319 10.21 -27.40 -12.63
C GLN A 319 10.64 -27.25 -11.18
N TYR A 320 10.24 -28.19 -10.33
CA TYR A 320 10.61 -28.10 -8.91
C TYR A 320 11.25 -29.34 -8.33
N THR A 321 10.75 -30.51 -8.70
CA THR A 321 11.13 -31.70 -7.94
C THR A 321 11.10 -32.96 -8.80
N ALA A 322 11.31 -34.10 -8.14
CA ALA A 322 11.35 -35.41 -8.79
C ALA A 322 10.83 -36.46 -7.84
N SER A 323 10.37 -37.58 -8.40
CA SER A 323 9.88 -38.71 -7.61
C SER A 323 10.35 -39.98 -8.28
N TYR A 324 10.53 -41.03 -7.48
CA TYR A 324 10.66 -42.38 -8.07
C TYR A 324 9.28 -42.97 -8.33
N MET A 325 9.16 -43.76 -9.39
CA MET A 325 7.92 -44.43 -9.74
C MET A 325 8.12 -45.94 -9.78
N LYS A 326 7.19 -46.65 -9.17
CA LYS A 326 7.15 -48.10 -9.17
C LYS A 326 5.90 -48.51 -9.94
N GLY A 327 6.04 -49.58 -10.72
CA GLY A 327 4.96 -50.04 -11.55
C GLY A 327 4.21 -51.20 -10.95
N GLN A 328 3.35 -51.74 -11.80
CA GLN A 328 2.37 -52.74 -11.44
C GLN A 328 1.88 -53.24 -12.80
N GLN A 329 1.24 -54.40 -12.83
CA GLN A 329 0.63 -54.85 -14.07
C GLN A 329 -0.59 -53.97 -14.29
N LEU A 330 -0.74 -53.43 -15.50
CA LEU A 330 -1.91 -52.61 -15.83
C LEU A 330 -3.18 -53.43 -15.69
N MET A 331 -4.15 -52.88 -14.96
CA MET A 331 -5.40 -53.55 -14.63
C MET A 331 -6.61 -52.85 -15.22
N GLN A 332 -7.64 -53.63 -15.51
CA GLN A 332 -8.97 -53.09 -15.79
C GLN A 332 -9.52 -52.70 -14.43
N GLN A 333 -9.93 -51.43 -14.30
CA GLN A 333 -10.42 -50.93 -13.02
C GLN A 333 -11.57 -49.95 -13.22
N THR A 334 -12.49 -49.92 -12.27
CA THR A 334 -13.56 -48.91 -12.26
C THR A 334 -12.89 -47.54 -12.07
N PRO A 335 -13.21 -46.57 -12.96
CA PRO A 335 -12.59 -45.25 -12.88
C PRO A 335 -12.95 -44.57 -11.57
N THR A 336 -11.95 -43.97 -10.93
CA THR A 336 -12.18 -43.19 -9.71
C THR A 336 -11.65 -41.76 -9.83
N SER A 337 -10.46 -41.58 -10.41
CA SER A 337 -9.90 -40.23 -10.53
C SER A 337 -8.79 -40.11 -11.58
N TYR A 338 -8.54 -38.89 -12.03
CA TYR A 338 -7.39 -38.63 -12.86
C TYR A 338 -6.13 -39.20 -12.21
N SER A 339 -5.95 -38.96 -10.90
CA SER A 339 -4.77 -39.45 -10.18
C SER A 339 -4.62 -40.96 -10.23
N ALA A 340 -5.71 -41.68 -9.96
CA ALA A 340 -5.71 -43.13 -9.98
C ALA A 340 -5.56 -43.72 -11.38
N ASP A 341 -5.93 -42.95 -12.41
CA ASP A 341 -5.84 -43.43 -13.80
C ASP A 341 -4.42 -43.78 -14.23
N TRP A 342 -3.42 -43.16 -13.60
CA TRP A 342 -2.02 -43.36 -13.99
C TRP A 342 -1.56 -44.78 -13.70
N GLN A 343 -2.18 -45.43 -12.70
CA GLN A 343 -1.78 -46.77 -12.24
C GLN A 343 -0.28 -46.81 -11.95
N VAL A 344 0.16 -45.88 -11.11
CA VAL A 344 1.54 -45.87 -10.63
C VAL A 344 1.61 -45.79 -9.10
N THR A 345 2.79 -46.10 -8.58
CA THR A 345 3.08 -46.00 -7.15
C THR A 345 4.25 -45.07 -6.90
N TYR A 346 4.03 -44.00 -6.14
CA TYR A 346 5.09 -43.05 -5.79
C TYR A 346 6.02 -43.63 -4.74
N VAL A 347 7.34 -43.43 -4.94
CA VAL A 347 8.36 -43.82 -3.98
C VAL A 347 9.38 -42.70 -3.85
N PHE A 348 9.82 -42.40 -2.63
CA PHE A 348 10.72 -41.27 -2.38
C PHE A 348 12.07 -41.70 -1.82
N ALA A 349 12.37 -42.98 -1.95
CA ALA A 349 13.67 -43.56 -1.58
C ALA A 349 14.04 -44.69 -2.53
N LYS A 350 15.33 -44.82 -2.79
CA LYS A 350 15.85 -45.92 -3.59
C LYS A 350 17.09 -46.41 -2.88
N ASN A 351 17.23 -47.74 -2.80
CA ASN A 351 18.35 -48.35 -2.08
C ASN A 351 18.53 -47.78 -0.66
N GLY A 352 17.40 -47.50 0.00
CA GLY A 352 17.38 -47.00 1.37
C GLY A 352 17.67 -45.52 1.53
N LYS A 353 17.86 -44.80 0.42
CA LYS A 353 18.23 -43.38 0.46
C LYS A 353 17.12 -42.51 -0.09
N PRO A 354 16.71 -41.46 0.66
CA PRO A 354 15.69 -40.55 0.11
C PRO A 354 16.19 -39.91 -1.18
N ILE A 355 15.25 -39.62 -2.07
CA ILE A 355 15.56 -38.99 -3.35
C ILE A 355 16.23 -37.62 -3.12
N GLY A 356 15.86 -36.97 -2.02
CA GLY A 356 16.48 -35.70 -1.63
C GLY A 356 15.81 -35.23 -0.36
N PRO A 357 16.38 -34.20 0.29
CA PRO A 357 15.71 -33.59 1.44
C PRO A 357 14.52 -32.73 1.01
N GLN A 358 13.56 -32.53 1.91
CA GLN A 358 12.39 -31.73 1.58
C GLN A 358 12.63 -30.28 1.95
N ALA A 359 12.07 -29.38 1.14
CA ALA A 359 11.95 -27.96 1.52
C ALA A 359 10.75 -27.86 2.48
N ASN A 360 10.24 -26.66 2.69
CA ASN A 360 9.07 -26.53 3.57
C ASN A 360 7.84 -27.27 3.05
N SER A 361 7.56 -27.13 1.76
CA SER A 361 6.43 -27.81 1.16
C SER A 361 6.70 -29.32 1.07
N ASN A 362 5.74 -30.12 1.55
CA ASN A 362 5.97 -31.56 1.67
C ASN A 362 6.25 -32.23 0.34
N TRP A 363 5.70 -31.67 -0.73
CA TRP A 363 5.83 -32.26 -2.06
C TRP A 363 7.17 -31.91 -2.71
N LEU A 364 7.88 -30.95 -2.12
CA LEU A 364 9.04 -30.38 -2.80
C LEU A 364 10.32 -31.00 -2.28
N TYR A 365 10.73 -32.09 -2.94
CA TYR A 365 12.00 -32.72 -2.63
C TYR A 365 13.10 -32.03 -3.45
N ILE A 366 14.20 -31.71 -2.81
CA ILE A 366 15.31 -31.01 -3.48
C ILE A 366 16.11 -32.03 -4.27
N VAL A 367 15.89 -32.03 -5.58
CA VAL A 367 16.48 -33.03 -6.49
C VAL A 367 16.95 -32.33 -7.77
N PRO A 368 18.17 -31.77 -7.73
CA PRO A 368 18.61 -30.94 -8.85
C PRO A 368 18.64 -31.71 -10.19
N TRP A 369 18.98 -33.00 -10.17
CA TRP A 369 18.99 -33.78 -11.42
C TRP A 369 17.62 -33.97 -12.07
N GLY A 370 16.55 -33.68 -11.34
CA GLY A 370 15.20 -33.64 -11.95
C GLY A 370 15.08 -32.56 -13.02
N MET A 371 15.81 -31.46 -12.82
CA MET A 371 15.85 -30.37 -13.82
C MET A 371 16.45 -30.87 -15.13
N TYR A 372 17.60 -31.55 -15.03
CA TYR A 372 18.18 -32.15 -16.21
C TYR A 372 17.22 -33.17 -16.81
N GLY A 373 16.64 -34.03 -15.97
CA GLY A 373 15.72 -35.07 -16.44
C GLY A 373 14.60 -34.49 -17.30
N CYS A 374 13.94 -33.47 -16.77
CA CYS A 374 12.80 -32.86 -17.44
C CYS A 374 13.19 -32.21 -18.75
N VAL A 375 14.28 -31.45 -18.73
CA VAL A 375 14.69 -30.68 -19.88
C VAL A 375 15.19 -31.61 -20.99
N ASN A 376 16.03 -32.57 -20.62
CA ASN A 376 16.49 -33.56 -21.58
C ASN A 376 15.33 -34.36 -22.17
N TYR A 377 14.35 -34.69 -21.35
CA TYR A 377 13.20 -35.48 -21.83
C TYR A 377 12.40 -34.70 -22.89
N ILE A 378 12.09 -33.43 -22.61
CA ILE A 378 11.36 -32.62 -23.59
C ILE A 378 12.17 -32.48 -24.89
N LYS A 379 13.49 -32.30 -24.75
CA LYS A 379 14.36 -32.16 -25.91
C LYS A 379 14.21 -33.40 -26.79
N GLN A 380 14.33 -34.57 -26.17
CA GLN A 380 14.40 -35.83 -26.92
C GLN A 380 13.05 -36.30 -27.43
N LYS A 381 11.98 -36.00 -26.69
CA LYS A 381 10.68 -36.55 -27.06
C LYS A 381 9.90 -35.67 -28.03
N TYR A 382 10.07 -34.36 -27.89
CA TYR A 382 9.18 -33.41 -28.55
C TYR A 382 9.87 -32.55 -29.63
N GLY A 383 10.98 -33.05 -30.17
CA GLY A 383 11.66 -32.32 -31.25
C GLY A 383 12.35 -31.04 -30.82
N ASN A 384 12.80 -31.02 -29.57
CA ASN A 384 13.57 -29.89 -29.04
C ASN A 384 12.88 -28.52 -29.22
N PRO A 385 11.63 -28.39 -28.72
CA PRO A 385 10.93 -27.11 -28.81
C PRO A 385 11.63 -26.05 -27.97
N THR A 386 11.38 -24.78 -28.29
CA THR A 386 11.90 -23.70 -27.45
C THR A 386 11.21 -23.77 -26.10
N VAL A 387 12.02 -23.92 -25.06
CA VAL A 387 11.57 -24.02 -23.69
C VAL A 387 12.06 -22.80 -22.90
N VAL A 388 11.21 -22.29 -22.02
CA VAL A 388 11.64 -21.30 -21.05
C VAL A 388 11.34 -21.90 -19.69
N ILE A 389 12.32 -21.97 -18.80
CA ILE A 389 12.04 -22.38 -17.42
C ILE A 389 11.35 -21.19 -16.77
N THR A 390 10.04 -21.31 -16.57
CA THR A 390 9.25 -20.19 -16.10
C THR A 390 9.08 -20.13 -14.59
N GLY A 391 9.63 -21.10 -13.87
CA GLY A 391 9.53 -21.10 -12.41
C GLY A 391 10.35 -22.22 -11.86
N ASN A 392 11.16 -21.89 -10.85
CA ASN A 392 11.98 -22.88 -10.15
C ASN A 392 12.41 -22.22 -8.85
N GLY A 393 12.33 -22.96 -7.74
CA GLY A 393 12.65 -22.38 -6.42
C GLY A 393 12.21 -23.30 -5.30
N MET A 394 12.38 -22.84 -4.07
CA MET A 394 12.05 -23.65 -2.88
C MET A 394 11.63 -22.74 -1.75
N ASP A 395 10.99 -23.33 -0.74
CA ASP A 395 10.45 -22.53 0.35
C ASP A 395 11.04 -22.80 1.71
N GLN A 396 11.10 -21.72 2.49
CA GLN A 396 11.36 -21.77 3.93
C GLN A 396 10.04 -21.80 4.70
N PRO A 397 10.09 -22.31 5.95
CA PRO A 397 8.89 -22.39 6.75
C PRO A 397 8.54 -21.07 7.42
N ALA A 398 7.40 -21.08 8.12
CA ALA A 398 6.91 -19.95 8.89
C ALA A 398 7.72 -19.73 10.16
N ASN A 399 7.54 -18.54 10.74
CA ASN A 399 7.96 -18.27 12.13
C ASN A 399 9.46 -18.11 12.34
N LEU A 400 10.25 -17.99 11.27
CA LEU A 400 11.68 -17.72 11.43
C LEU A 400 11.90 -16.24 11.72
N SER A 401 13.08 -15.91 12.25
CA SER A 401 13.46 -14.52 12.43
C SER A 401 13.79 -13.93 11.08
N ARG A 402 13.81 -12.60 11.01
CA ARG A 402 14.24 -11.93 9.79
C ARG A 402 15.60 -12.47 9.34
N ASP A 403 16.56 -12.51 10.26
CA ASP A 403 17.91 -12.90 9.89
C ASP A 403 17.97 -14.36 9.45
N GLN A 404 17.14 -15.22 10.06
CA GLN A 404 17.07 -16.61 9.61
C GLN A 404 16.54 -16.69 8.17
N TYR A 405 15.57 -15.85 7.81
CA TYR A 405 15.09 -15.83 6.41
C TYR A 405 16.16 -15.38 5.45
N LEU A 406 16.94 -14.38 5.85
CA LEU A 406 17.94 -13.80 4.97
C LEU A 406 19.11 -14.74 4.73
N ARG A 407 19.47 -15.56 5.72
CA ARG A 407 20.59 -16.47 5.57
C ARG A 407 20.11 -17.78 4.93
N ASP A 408 19.64 -17.68 3.69
CA ASP A 408 18.97 -18.79 3.05
C ASP A 408 19.94 -19.68 2.29
N THR A 409 20.88 -20.24 3.04
CA THR A 409 21.96 -21.02 2.43
C THR A 409 21.42 -22.24 1.65
N THR A 410 20.34 -22.85 2.11
CA THR A 410 19.74 -23.99 1.38
C THR A 410 19.20 -23.56 0.02
N ARG A 411 18.62 -22.37 -0.04
CA ARG A 411 18.16 -21.85 -1.32
C ARG A 411 19.31 -21.47 -2.26
N VAL A 412 20.38 -20.89 -1.71
CA VAL A 412 21.57 -20.64 -2.53
C VAL A 412 22.07 -21.94 -3.16
N HIS A 413 22.16 -22.99 -2.34
CA HIS A 413 22.61 -24.30 -2.81
C HIS A 413 21.63 -24.85 -3.85
N PHE A 414 20.33 -24.68 -3.60
CA PHE A 414 19.29 -25.07 -4.53
C PHE A 414 19.52 -24.45 -5.91
N TYR A 415 19.63 -23.13 -5.97
CA TYR A 415 19.80 -22.46 -7.26
C TYR A 415 21.11 -22.83 -7.96
N ARG A 416 22.20 -22.92 -7.21
CA ARG A 416 23.47 -23.31 -7.82
C ARG A 416 23.36 -24.72 -8.43
N SER A 417 22.77 -25.65 -7.69
CA SER A 417 22.68 -27.04 -8.14
C SER A 417 21.71 -27.22 -9.28
N TYR A 418 20.52 -26.60 -9.17
CA TYR A 418 19.53 -26.74 -10.24
C TYR A 418 19.99 -26.04 -11.52
N LEU A 419 20.63 -24.88 -11.40
CA LEU A 419 21.11 -24.17 -12.58
C LEU A 419 22.29 -24.88 -13.23
N THR A 420 23.11 -25.57 -12.43
CA THR A 420 24.19 -26.42 -12.97
C THR A 420 23.59 -27.56 -13.81
N GLN A 421 22.50 -28.13 -13.33
CA GLN A 421 21.84 -29.22 -14.04
C GLN A 421 21.15 -28.70 -15.31
N LEU A 422 20.57 -27.51 -15.24
CA LEU A 422 19.99 -26.89 -16.45
C LEU A 422 21.09 -26.63 -17.47
N LYS A 423 22.21 -26.08 -17.00
CA LYS A 423 23.34 -25.82 -17.89
C LYS A 423 23.81 -27.10 -18.57
N LYS A 424 23.84 -28.20 -17.81
CA LYS A 424 24.22 -29.52 -18.36
C LYS A 424 23.33 -29.89 -19.55
N ALA A 425 22.02 -29.73 -19.38
CA ALA A 425 21.07 -30.02 -20.48
C ALA A 425 21.23 -29.08 -21.67
N ILE A 426 21.40 -27.79 -21.41
CA ILE A 426 21.61 -26.80 -22.48
C ILE A 426 22.90 -27.12 -23.25
N ASP A 427 23.95 -27.45 -22.52
CA ASP A 427 25.23 -27.77 -23.17
C ASP A 427 25.11 -29.02 -24.04
N GLU A 428 24.17 -29.89 -23.72
CA GLU A 428 23.91 -31.10 -24.52
C GLU A 428 22.94 -30.84 -25.68
N GLY A 429 22.52 -29.58 -25.82
CA GLY A 429 21.76 -29.14 -26.98
C GLY A 429 20.30 -28.78 -26.76
N ALA A 430 19.84 -28.80 -25.50
CA ALA A 430 18.45 -28.43 -25.25
C ALA A 430 18.19 -26.95 -25.56
N ASN A 431 17.08 -26.70 -26.24
CA ASN A 431 16.72 -25.39 -26.76
C ASN A 431 16.02 -24.56 -25.67
N VAL A 432 16.76 -24.27 -24.60
CA VAL A 432 16.22 -23.45 -23.49
C VAL A 432 16.65 -21.99 -23.67
N ALA A 433 15.66 -21.08 -23.66
CA ALA A 433 15.86 -19.67 -24.00
C ALA A 433 15.95 -18.75 -22.78
N GLY A 434 15.50 -19.26 -21.64
CA GLY A 434 15.47 -18.43 -20.45
C GLY A 434 15.13 -19.21 -19.19
N TYR A 435 15.31 -18.54 -18.06
CA TYR A 435 15.12 -19.10 -16.74
C TYR A 435 14.60 -18.05 -15.79
N PHE A 436 13.55 -18.41 -15.03
CA PHE A 436 12.89 -17.50 -14.10
C PHE A 436 12.79 -18.14 -12.71
N ALA A 437 13.25 -17.42 -11.70
CA ALA A 437 13.19 -17.90 -10.32
C ALA A 437 11.83 -17.62 -9.69
N TRP A 438 11.20 -18.68 -9.16
CA TRP A 438 10.00 -18.50 -8.33
C TRP A 438 10.50 -18.42 -6.88
N SER A 439 10.37 -17.27 -6.19
CA SER A 439 9.71 -16.05 -6.64
C SER A 439 10.61 -14.88 -6.32
N LEU A 440 10.34 -13.72 -6.94
CA LEU A 440 11.03 -12.51 -6.50
C LEU A 440 10.84 -12.28 -5.01
N LEU A 441 9.60 -12.44 -4.52
CA LEU A 441 9.21 -12.07 -3.16
C LEU A 441 8.57 -13.23 -2.44
N ASP A 442 8.78 -13.32 -1.12
CA ASP A 442 7.86 -14.13 -0.32
C ASP A 442 6.45 -13.61 -0.59
N ASN A 443 5.48 -14.50 -0.65
CA ASN A 443 4.15 -14.08 -1.07
C ASN A 443 3.05 -14.98 -0.53
N PHE A 444 1.83 -14.77 -1.01
CA PHE A 444 0.72 -15.60 -0.59
C PHE A 444 0.77 -16.93 -1.33
N GLU A 445 1.15 -17.99 -0.60
CA GLU A 445 1.36 -19.30 -1.21
C GLU A 445 0.10 -20.19 -1.12
N TRP A 446 -0.97 -19.70 -1.73
CA TRP A 446 -2.23 -20.45 -1.89
C TRP A 446 -2.70 -21.08 -0.56
N LEU A 447 -2.91 -22.40 -0.50
CA LEU A 447 -3.40 -23.02 0.75
C LEU A 447 -2.48 -22.79 1.95
N SER A 448 -1.19 -22.59 1.68
CA SER A 448 -0.21 -22.35 2.75
C SER A 448 -0.22 -20.92 3.24
N GLY A 449 -0.94 -20.05 2.54
CA GLY A 449 -0.97 -18.63 2.91
C GLY A 449 0.44 -18.09 3.06
N TYR A 450 0.69 -17.37 4.16
CA TYR A 450 2.00 -16.76 4.40
C TYR A 450 2.94 -17.67 5.19
N THR A 451 2.59 -18.95 5.31
CA THR A 451 3.43 -19.89 6.05
C THR A 451 4.53 -20.56 5.21
N SER A 452 4.55 -20.25 3.91
CA SER A 452 5.55 -20.76 2.97
C SER A 452 6.24 -19.58 2.30
N LYS A 453 7.57 -19.53 2.41
CA LYS A 453 8.37 -18.40 1.91
C LYS A 453 9.25 -18.85 0.73
N PHE A 454 8.82 -18.50 -0.49
CA PHE A 454 9.55 -18.89 -1.71
C PHE A 454 10.49 -17.80 -2.27
N GLY A 455 10.50 -16.62 -1.67
CA GLY A 455 11.20 -15.48 -2.27
C GLY A 455 12.72 -15.52 -2.21
N ILE A 456 13.37 -14.93 -3.20
CA ILE A 456 14.76 -14.54 -3.03
C ILE A 456 14.86 -13.22 -2.26
N VAL A 457 13.74 -12.51 -2.15
CA VAL A 457 13.64 -11.31 -1.32
C VAL A 457 12.62 -11.60 -0.20
N TYR A 458 13.05 -11.35 1.03
CA TYR A 458 12.20 -11.50 2.20
C TYR A 458 11.18 -10.37 2.25
N VAL A 459 9.94 -10.72 2.55
CA VAL A 459 8.91 -9.71 2.85
C VAL A 459 8.46 -9.87 4.29
N ASP A 460 8.60 -8.80 5.08
CA ASP A 460 8.07 -8.78 6.43
C ASP A 460 6.57 -8.54 6.29
N PHE A 461 5.73 -9.51 6.65
CA PHE A 461 4.31 -9.35 6.40
C PHE A 461 3.58 -8.48 7.43
N ASN A 462 4.32 -7.98 8.41
CA ASN A 462 3.77 -7.00 9.34
C ASN A 462 3.98 -5.59 8.82
N THR A 463 5.22 -5.30 8.39
CA THR A 463 5.57 -3.96 7.95
C THR A 463 5.59 -3.78 6.43
N LEU A 464 5.57 -4.90 5.70
CA LEU A 464 5.68 -4.98 4.22
C LEU A 464 7.07 -4.63 3.66
N GLU A 465 8.03 -4.42 4.55
CA GLU A 465 9.42 -4.17 4.12
C GLU A 465 10.02 -5.33 3.33
N ARG A 466 10.76 -4.97 2.27
CA ARG A 466 11.58 -5.92 1.49
C ARG A 466 13.00 -5.95 1.99
N HIS A 467 13.58 -7.14 2.06
CA HIS A 467 14.99 -7.33 2.40
C HIS A 467 15.55 -8.45 1.52
N PRO A 468 16.49 -8.15 0.61
CA PRO A 468 17.08 -9.24 -0.19
C PRO A 468 17.76 -10.31 0.68
N LYS A 469 17.50 -11.57 0.35
CA LYS A 469 18.14 -12.70 1.04
C LYS A 469 19.48 -12.99 0.38
N ALA A 470 20.27 -13.89 0.99
CA ALA A 470 21.55 -14.29 0.41
C ALA A 470 21.39 -14.76 -1.03
N SER A 471 20.31 -15.50 -1.32
CA SER A 471 20.07 -15.98 -2.68
C SER A 471 19.86 -14.85 -3.70
N ALA A 472 19.28 -13.73 -3.27
CA ALA A 472 19.18 -12.54 -4.14
C ALA A 472 20.58 -12.01 -4.49
N TYR A 473 21.46 -11.93 -3.50
CA TYR A 473 22.84 -11.48 -3.74
C TYR A 473 23.64 -12.48 -4.58
N TRP A 474 23.31 -13.77 -4.41
CA TRP A 474 23.89 -14.81 -5.26
C TRP A 474 23.52 -14.56 -6.72
N PHE A 475 22.24 -14.31 -7.00
CA PHE A 475 21.83 -13.96 -8.35
C PHE A 475 22.51 -12.69 -8.83
N ARG A 476 22.58 -11.67 -7.98
CA ARG A 476 23.21 -10.42 -8.39
C ARG A 476 24.65 -10.66 -8.85
N ASP A 477 25.38 -11.48 -8.09
CA ASP A 477 26.78 -11.80 -8.42
C ASP A 477 26.85 -12.63 -9.68
N MET A 478 25.98 -13.63 -9.77
CA MET A 478 26.00 -14.55 -10.92
C MET A 478 25.69 -13.84 -12.23
N LEU A 479 24.78 -12.88 -12.16
CA LEU A 479 24.18 -12.25 -13.35
C LEU A 479 24.83 -10.93 -13.77
N LYS A 480 25.88 -10.51 -13.07
CA LYS A 480 26.49 -9.23 -13.39
C LYS A 480 26.93 -9.22 -14.86
N HIS A 481 26.64 -8.12 -15.55
CA HIS A 481 26.81 -8.03 -17.01
C HIS A 481 28.25 -7.71 -17.38
N ASN B 10 28.52 20.97 20.38
CA ASN B 10 27.93 19.67 19.95
C ASN B 10 26.61 19.93 19.23
N TRP B 11 26.25 19.04 18.31
CA TRP B 11 25.12 19.31 17.41
C TRP B 11 23.75 19.36 18.11
N LEU B 12 23.68 18.85 19.33
CA LEU B 12 22.46 18.92 20.13
C LEU B 12 22.28 20.26 20.84
N GLY B 13 23.33 21.09 20.85
CA GLY B 13 23.25 22.41 21.49
C GLY B 13 22.86 22.33 22.96
N GLY B 14 23.27 21.25 23.62
CA GLY B 14 22.98 21.06 25.04
C GLY B 14 21.61 20.49 25.32
N LEU B 15 20.87 20.17 24.26
CA LEU B 15 19.53 19.65 24.45
C LEU B 15 19.53 18.14 24.65
N SER B 16 18.61 17.68 25.49
CA SER B 16 18.38 16.28 25.80
C SER B 16 17.09 16.23 26.62
N ARG B 17 16.62 15.03 26.94
CA ARG B 17 15.45 14.91 27.81
C ARG B 17 15.68 15.57 29.17
N ALA B 18 16.92 15.54 29.66
CA ALA B 18 17.27 16.19 30.92
C ALA B 18 17.06 17.70 30.89
N ALA B 19 17.03 18.28 29.68
CA ALA B 19 16.86 19.72 29.51
C ALA B 19 15.39 20.15 29.57
N PHE B 20 14.49 19.17 29.59
CA PHE B 20 13.06 19.42 29.65
C PHE B 20 12.45 18.82 30.93
N PRO B 21 11.23 19.25 31.29
CA PRO B 21 10.62 18.73 32.52
C PRO B 21 10.47 17.22 32.54
N LYS B 22 10.47 16.67 33.74
CA LYS B 22 10.25 15.25 33.93
C LYS B 22 8.91 14.91 33.27
N ARG B 23 8.92 13.81 32.53
CA ARG B 23 7.69 13.30 31.89
C ARG B 23 7.23 14.14 30.67
N PHE B 24 8.05 15.09 30.24
CA PHE B 24 7.74 15.89 29.04
C PHE B 24 7.62 14.93 27.86
N VAL B 25 6.57 15.15 27.07
CA VAL B 25 6.22 14.25 25.96
C VAL B 25 6.78 14.76 24.64
N PHE B 26 7.54 13.91 23.94
CA PHE B 26 8.02 14.20 22.58
C PHE B 26 7.37 13.29 21.55
N GLY B 27 6.85 13.87 20.48
CA GLY B 27 6.23 13.09 19.44
C GLY B 27 6.44 13.64 18.05
N THR B 28 5.85 12.96 17.08
CA THR B 28 5.72 13.45 15.70
C THR B 28 4.24 13.47 15.35
N VAL B 29 3.92 14.16 14.25
CA VAL B 29 2.54 14.39 13.85
C VAL B 29 2.32 14.09 12.38
N THR B 30 1.15 13.55 12.07
CA THR B 30 0.64 13.49 10.70
C THR B 30 -0.84 13.82 10.76
N SER B 31 -1.50 13.84 9.60
CA SER B 31 -2.96 13.89 9.56
C SER B 31 -3.44 12.87 8.53
N ALA B 32 -4.69 12.46 8.66
CA ALA B 32 -5.23 11.32 7.90
C ALA B 32 -5.08 11.50 6.39
N TYR B 33 -5.62 12.59 5.86
CA TYR B 33 -5.62 12.76 4.41
C TYR B 33 -4.20 12.98 3.90
N GLN B 34 -3.33 13.55 4.73
CA GLN B 34 -1.97 13.83 4.29
C GLN B 34 -1.07 12.59 4.20
N VAL B 35 -1.39 11.53 4.95
CA VAL B 35 -0.52 10.36 4.94
C VAL B 35 -1.16 9.00 4.66
N GLU B 36 -2.45 8.84 4.94
CA GLU B 36 -3.02 7.48 4.91
C GLU B 36 -3.01 6.83 3.54
N GLY B 37 -3.41 7.59 2.53
CA GLY B 37 -3.78 6.94 1.28
C GLY B 37 -5.06 6.15 1.46
N MET B 38 -5.28 5.19 0.56
CA MET B 38 -6.55 4.45 0.50
C MET B 38 -7.76 5.38 0.61
N ALA B 39 -7.72 6.47 -0.15
CA ALA B 39 -8.73 7.53 0.00
C ALA B 39 -10.11 7.06 -0.44
N ALA B 40 -10.14 6.21 -1.46
CA ALA B 40 -11.39 5.69 -2.00
C ALA B 40 -11.43 4.18 -1.87
N SER B 41 -10.77 3.66 -0.83
CA SER B 41 -10.70 2.24 -0.60
C SER B 41 -10.94 1.96 0.87
N GLY B 42 -11.10 0.69 1.21
CA GLY B 42 -11.32 0.32 2.60
C GLY B 42 -12.65 0.82 3.14
N GLY B 43 -13.56 1.14 2.22
CA GLY B 43 -14.89 1.62 2.60
C GLY B 43 -14.96 3.11 2.86
N ARG B 44 -13.84 3.82 2.73
CA ARG B 44 -13.86 5.27 3.03
C ARG B 44 -14.71 6.04 2.05
N GLY B 45 -15.55 6.94 2.56
CA GLY B 45 -16.29 7.89 1.72
C GLY B 45 -15.48 9.15 1.46
N PRO B 46 -15.83 9.91 0.43
CA PRO B 46 -15.04 11.09 0.11
C PRO B 46 -15.17 12.22 1.12
N SER B 47 -14.08 12.97 1.31
CA SER B 47 -14.13 14.22 2.06
C SER B 47 -14.18 15.40 1.11
N ILE B 48 -14.36 16.58 1.66
CA ILE B 48 -14.33 17.80 0.86
C ILE B 48 -12.96 17.97 0.18
N TRP B 49 -11.90 17.45 0.81
CA TRP B 49 -10.57 17.48 0.21
C TRP B 49 -10.38 16.51 -0.97
N ASP B 50 -11.10 15.38 -0.95
CA ASP B 50 -11.03 14.47 -2.10
C ASP B 50 -11.62 15.14 -3.33
N ALA B 51 -12.79 15.76 -3.17
CA ALA B 51 -13.44 16.43 -4.28
C ALA B 51 -12.57 17.58 -4.77
N PHE B 52 -12.06 18.35 -3.82
CA PHE B 52 -11.21 19.51 -4.13
C PHE B 52 -9.95 19.09 -4.89
N ALA B 53 -9.25 18.09 -4.36
CA ALA B 53 -7.97 17.70 -4.95
C ALA B 53 -8.12 17.03 -6.33
N HIS B 54 -9.29 16.44 -6.58
CA HIS B 54 -9.55 15.80 -7.87
C HIS B 54 -10.04 16.75 -8.96
N THR B 55 -10.20 18.02 -8.62
CA THR B 55 -10.57 19.05 -9.60
C THR B 55 -9.30 19.63 -10.21
N PRO B 56 -9.17 19.60 -11.55
CA PRO B 56 -7.93 20.10 -12.16
C PRO B 56 -7.65 21.55 -11.76
N GLY B 57 -6.37 21.82 -11.48
CA GLY B 57 -5.92 23.17 -11.12
C GLY B 57 -5.87 23.50 -9.65
N ASN B 58 -6.58 22.73 -8.82
CA ASN B 58 -6.65 23.07 -7.40
C ASN B 58 -5.35 22.80 -6.64
N VAL B 59 -4.68 21.71 -7.00
CA VAL B 59 -3.46 21.34 -6.29
C VAL B 59 -2.26 21.35 -7.22
N ALA B 60 -1.09 21.67 -6.69
CA ALA B 60 0.13 21.59 -7.49
C ALA B 60 0.20 20.26 -8.25
N GLY B 61 0.44 20.34 -9.55
CA GLY B 61 0.58 19.14 -10.39
C GLY B 61 -0.66 18.28 -10.49
N ASN B 62 -1.81 18.84 -10.11
CA ASN B 62 -3.09 18.10 -10.03
C ASN B 62 -2.95 16.85 -9.16
N GLN B 63 -2.12 16.94 -8.13
CA GLN B 63 -1.93 15.81 -7.24
C GLN B 63 -3.03 15.71 -6.20
N ASN B 64 -3.13 14.55 -5.57
CA ASN B 64 -4.15 14.31 -4.55
C ASN B 64 -3.62 13.34 -3.50
N GLY B 65 -4.44 13.06 -2.49
CA GLY B 65 -4.08 12.13 -1.44
C GLY B 65 -4.57 10.71 -1.65
N ASP B 66 -4.86 10.31 -2.90
CA ASP B 66 -5.39 8.95 -3.11
C ASP B 66 -4.48 7.88 -2.51
N VAL B 67 -3.16 8.05 -2.69
CA VAL B 67 -2.14 7.11 -2.17
C VAL B 67 -1.32 7.77 -1.07
N ALA B 68 -0.96 9.04 -1.24
CA ALA B 68 -0.17 9.77 -0.24
C ALA B 68 1.07 8.94 0.14
N THR B 69 1.30 8.71 1.44
CA THR B 69 2.44 7.89 1.84
C THR B 69 2.08 6.42 2.01
N ASP B 70 0.80 6.10 1.80
CA ASP B 70 0.29 4.73 2.02
C ASP B 70 0.52 4.23 3.45
N GLN B 71 0.45 5.13 4.42
CA GLN B 71 0.54 4.70 5.81
C GLN B 71 -0.53 3.66 6.15
N TYR B 72 -1.65 3.67 5.44
CA TYR B 72 -2.71 2.69 5.67
C TYR B 72 -2.16 1.26 5.62
N HIS B 73 -1.29 0.97 4.66
CA HIS B 73 -0.71 -0.36 4.55
C HIS B 73 0.57 -0.52 5.37
N ARG B 74 1.30 0.57 5.56
CA ARG B 74 2.66 0.54 6.08
C ARG B 74 2.79 1.03 7.52
N TYR B 75 1.66 1.15 8.23
CA TYR B 75 1.70 1.81 9.54
C TYR B 75 2.66 1.13 10.52
N LYS B 76 2.85 -0.18 10.44
CA LYS B 76 3.78 -0.83 11.38
C LYS B 76 5.23 -0.45 11.08
N GLU B 77 5.56 -0.25 9.79
CA GLU B 77 6.88 0.26 9.44
C GLU B 77 7.05 1.63 10.09
N ASP B 78 6.03 2.47 9.94
CA ASP B 78 6.15 3.84 10.46
C ASP B 78 6.21 3.92 11.99
N VAL B 79 5.44 3.06 12.66
CA VAL B 79 5.47 3.01 14.13
C VAL B 79 6.84 2.47 14.60
N ASN B 80 7.34 1.44 13.92
CA ASN B 80 8.69 0.96 14.23
C ASN B 80 9.73 2.07 14.10
N LEU B 81 9.59 2.88 13.05
CA LEU B 81 10.51 3.96 12.82
C LEU B 81 10.45 5.01 13.92
N MET B 82 9.25 5.46 14.27
CA MET B 82 9.16 6.49 15.29
C MET B 82 9.70 5.98 16.65
N LYS B 83 9.51 4.68 16.93
CA LYS B 83 10.03 4.11 18.17
C LYS B 83 11.55 4.09 18.13
N SER B 84 12.09 3.75 16.96
CA SER B 84 13.56 3.70 16.80
C SER B 84 14.20 5.07 16.95
N LEU B 85 13.41 6.12 16.70
CA LEU B 85 13.90 7.50 16.82
C LEU B 85 13.69 8.07 18.23
N ASN B 86 13.22 7.22 19.15
CA ASN B 86 13.10 7.57 20.59
C ASN B 86 11.97 8.54 20.93
N PHE B 87 10.98 8.63 20.06
CA PHE B 87 9.75 9.38 20.40
C PHE B 87 8.87 8.63 21.40
N ASP B 88 8.06 9.39 22.15
CA ASP B 88 7.17 8.85 23.17
C ASP B 88 5.74 8.74 22.70
N ALA B 89 5.39 9.52 21.67
CA ALA B 89 3.99 9.73 21.33
C ALA B 89 3.85 10.01 19.85
N TYR B 90 2.64 9.81 19.34
CA TYR B 90 2.34 10.05 17.94
C TYR B 90 1.00 10.74 17.84
N ARG B 91 1.00 11.92 17.24
CA ARG B 91 -0.24 12.63 16.98
C ARG B 91 -0.70 12.32 15.55
N PHE B 92 -1.90 11.78 15.42
CA PHE B 92 -2.47 11.47 14.10
C PHE B 92 -3.95 11.78 14.18
N SER B 93 -4.62 11.75 13.03
CA SER B 93 -6.05 12.00 13.03
C SER B 93 -6.87 10.83 12.49
N ILE B 94 -8.11 10.80 12.94
CA ILE B 94 -9.08 9.83 12.41
C ILE B 94 -9.84 10.53 11.30
N SER B 95 -9.92 9.87 10.14
CA SER B 95 -10.74 10.41 9.04
C SER B 95 -12.22 10.12 9.30
N TRP B 96 -13.00 11.18 9.50
CA TRP B 96 -14.42 11.05 9.78
C TRP B 96 -15.12 10.21 8.71
N SER B 97 -14.80 10.45 7.44
CA SER B 97 -15.45 9.70 6.36
C SER B 97 -14.91 8.29 6.18
N ARG B 98 -13.82 7.94 6.86
CA ARG B 98 -13.39 6.54 6.90
C ARG B 98 -14.22 5.75 7.92
N ILE B 99 -14.69 6.42 8.97
CA ILE B 99 -15.57 5.80 9.96
C ILE B 99 -17.06 5.83 9.54
N PHE B 100 -17.53 7.01 9.17
CA PHE B 100 -18.89 7.23 8.65
C PHE B 100 -18.79 7.76 7.23
N PRO B 101 -18.90 6.89 6.22
CA PRO B 101 -18.69 7.37 4.86
C PRO B 101 -19.59 8.54 4.46
N ASP B 102 -20.80 8.61 5.04
CA ASP B 102 -21.71 9.73 4.78
C ASP B 102 -21.73 10.76 5.92
N GLY B 103 -20.83 10.61 6.90
CA GLY B 103 -20.74 11.57 7.99
C GLY B 103 -21.71 11.33 9.14
N GLU B 104 -22.69 10.47 8.88
CA GLU B 104 -23.72 10.13 9.83
C GLU B 104 -24.26 8.79 9.38
N GLY B 105 -24.98 8.10 10.25
CA GLY B 105 -25.57 6.81 9.90
C GLY B 105 -24.64 5.62 9.95
N ARG B 106 -24.46 4.96 8.80
CA ARG B 106 -23.77 3.67 8.74
C ARG B 106 -22.27 3.76 9.09
N VAL B 107 -21.81 2.82 9.92
CA VAL B 107 -20.40 2.72 10.31
C VAL B 107 -19.68 1.79 9.34
N ASN B 108 -18.52 2.24 8.88
CA ASN B 108 -17.63 1.44 8.05
C ASN B 108 -16.72 0.61 8.95
N GLN B 109 -17.07 -0.65 9.16
CA GLN B 109 -16.31 -1.48 10.09
C GLN B 109 -14.85 -1.64 9.71
N GLU B 110 -14.57 -1.67 8.40
CA GLU B 110 -13.19 -1.81 7.95
C GLU B 110 -12.36 -0.59 8.38
N GLY B 111 -12.98 0.59 8.37
CA GLY B 111 -12.30 1.82 8.81
C GLY B 111 -12.02 1.80 10.30
N VAL B 112 -13.03 1.38 11.08
CA VAL B 112 -12.86 1.17 12.52
C VAL B 112 -11.70 0.21 12.82
N ALA B 113 -11.62 -0.88 12.06
CA ALA B 113 -10.56 -1.88 12.25
C ALA B 113 -9.18 -1.28 12.00
N TYR B 114 -9.05 -0.43 10.98
CA TYR B 114 -7.76 0.23 10.74
C TYR B 114 -7.29 1.01 11.97
N TYR B 115 -8.15 1.87 12.51
CA TYR B 115 -7.73 2.66 13.66
C TYR B 115 -7.48 1.80 14.90
N ASN B 116 -8.29 0.75 15.08
CA ASN B 116 -8.00 -0.18 16.16
C ASN B 116 -6.60 -0.78 15.99
N ASN B 117 -6.28 -1.20 14.78
CA ASN B 117 -4.99 -1.83 14.54
C ASN B 117 -3.84 -0.87 14.77
N LEU B 118 -4.01 0.37 14.31
CA LEU B 118 -3.00 1.40 14.51
C LEU B 118 -2.80 1.73 16.00
N ILE B 119 -3.91 2.00 16.68
CA ILE B 119 -3.87 2.31 18.12
C ILE B 119 -3.22 1.15 18.91
N ASN B 120 -3.66 -0.07 18.61
CA ASN B 120 -3.11 -1.23 19.31
C ASN B 120 -1.62 -1.41 19.07
N TYR B 121 -1.17 -1.19 17.83
CA TYR B 121 0.24 -1.34 17.55
C TYR B 121 1.06 -0.27 18.22
N LEU B 122 0.57 0.97 18.20
CA LEU B 122 1.25 2.05 18.91
C LEU B 122 1.46 1.67 20.38
N LEU B 123 0.40 1.21 21.03
CA LEU B 123 0.48 0.87 22.45
C LEU B 123 1.42 -0.31 22.68
N GLN B 124 1.37 -1.30 21.79
CA GLN B 124 2.29 -2.45 21.87
C GLN B 124 3.75 -1.99 21.84
N LYS B 125 4.02 -0.96 21.03
CA LYS B 125 5.37 -0.45 20.86
C LYS B 125 5.74 0.67 21.84
N GLY B 126 4.84 0.96 22.78
CA GLY B 126 5.11 1.94 23.83
C GLY B 126 5.02 3.37 23.33
N ILE B 127 4.20 3.61 22.31
CA ILE B 127 4.02 4.97 21.77
C ILE B 127 2.61 5.45 22.13
N THR B 128 2.50 6.60 22.80
CA THR B 128 1.19 7.09 23.24
C THR B 128 0.42 7.72 22.09
N PRO B 129 -0.80 7.25 21.81
CA PRO B 129 -1.61 7.88 20.76
C PRO B 129 -2.24 9.21 21.21
N TYR B 130 -2.01 10.26 20.42
CA TYR B 130 -2.68 11.56 20.61
C TYR B 130 -3.53 11.73 19.38
N VAL B 131 -4.85 11.74 19.54
CA VAL B 131 -5.73 11.51 18.41
C VAL B 131 -6.62 12.70 18.13
N ASN B 132 -6.43 13.30 16.95
CA ASN B 132 -7.34 14.34 16.44
C ASN B 132 -8.55 13.72 15.78
N LEU B 133 -9.73 14.27 16.07
CA LEU B 133 -10.95 13.79 15.43
C LEU B 133 -11.15 14.41 14.06
N TYR B 134 -10.58 15.58 13.85
CA TYR B 134 -10.85 16.33 12.62
C TYR B 134 -9.64 17.09 12.15
N HIS B 135 -9.30 16.92 10.87
CA HIS B 135 -8.17 17.62 10.30
C HIS B 135 -8.48 17.98 8.83
N TYR B 136 -9.35 18.99 8.69
CA TYR B 136 -9.79 19.58 7.39
C TYR B 136 -10.68 18.70 6.51
N ASP B 137 -10.99 17.50 6.98
CA ASP B 137 -11.52 16.46 6.11
C ASP B 137 -12.99 16.13 6.35
N LEU B 138 -13.82 17.18 6.40
CA LEU B 138 -15.27 17.00 6.48
C LEU B 138 -15.78 16.02 5.41
N PRO B 139 -16.62 15.03 5.82
CA PRO B 139 -17.27 14.16 4.82
C PRO B 139 -18.00 14.99 3.79
N LEU B 140 -17.77 14.67 2.51
CA LEU B 140 -18.38 15.42 1.44
C LEU B 140 -19.90 15.43 1.57
N ALA B 141 -20.45 14.32 2.02
CA ALA B 141 -21.90 14.21 2.18
C ALA B 141 -22.46 15.28 3.13
N LEU B 142 -21.72 15.61 4.19
CA LEU B 142 -22.17 16.65 5.13
C LEU B 142 -22.05 18.05 4.56
N GLU B 143 -21.03 18.30 3.75
CA GLU B 143 -20.92 19.56 3.04
C GLU B 143 -22.13 19.76 2.15
N LYS B 144 -22.46 18.72 1.38
CA LYS B 144 -23.58 18.81 0.43
C LYS B 144 -24.96 18.90 1.12
N LYS B 145 -25.16 18.11 2.16
CA LYS B 145 -26.47 18.00 2.81
C LYS B 145 -26.75 19.16 3.75
N TYR B 146 -25.75 19.58 4.50
CA TYR B 146 -25.94 20.55 5.57
C TYR B 146 -25.27 21.90 5.31
N GLY B 147 -24.37 21.96 4.35
CA GLY B 147 -23.57 23.17 4.15
C GLY B 147 -22.36 23.26 5.08
N GLY B 148 -21.95 22.13 5.63
CA GLY B 148 -20.74 22.09 6.46
C GLY B 148 -20.76 23.09 7.62
N TRP B 149 -19.64 23.75 7.85
CA TRP B 149 -19.43 24.51 9.06
C TRP B 149 -20.21 25.82 9.12
N LEU B 150 -20.92 26.14 8.04
CA LEU B 150 -21.86 27.26 8.09
C LEU B 150 -23.13 26.92 8.88
N ASN B 151 -23.36 25.62 9.06
CA ASN B 151 -24.56 25.13 9.72
C ASN B 151 -24.33 24.82 11.20
N ALA B 152 -25.09 25.46 12.08
CA ALA B 152 -25.00 25.17 13.51
C ALA B 152 -25.29 23.71 13.87
N LYS B 153 -25.97 22.99 12.97
CA LYS B 153 -26.24 21.56 13.16
C LYS B 153 -24.94 20.73 13.22
N MET B 154 -23.83 21.30 12.76
CA MET B 154 -22.54 20.63 12.89
C MET B 154 -22.22 20.24 14.33
N ALA B 155 -22.69 21.00 15.31
CA ALA B 155 -22.39 20.65 16.70
C ALA B 155 -22.97 19.28 17.03
N ASP B 156 -24.23 19.04 16.65
CA ASP B 156 -24.86 17.73 16.82
C ASP B 156 -24.15 16.65 16.01
N LEU B 157 -23.88 16.92 14.75
CA LEU B 157 -23.26 15.91 13.85
C LEU B 157 -21.86 15.55 14.35
N PHE B 158 -21.09 16.56 14.74
CA PHE B 158 -19.74 16.31 15.25
C PHE B 158 -19.77 15.56 16.60
N THR B 159 -20.70 15.96 17.46
CA THR B 159 -20.80 15.29 18.75
C THR B 159 -21.12 13.81 18.60
N GLU B 160 -21.99 13.47 17.65
CA GLU B 160 -22.34 12.06 17.47
C GLU B 160 -21.15 11.25 16.94
N TYR B 161 -20.37 11.88 16.06
CA TYR B 161 -19.14 11.26 15.57
C TYR B 161 -18.12 11.11 16.69
N ALA B 162 -17.94 12.19 17.47
CA ALA B 162 -17.03 12.15 18.61
C ALA B 162 -17.43 11.07 19.62
N ASP B 163 -18.73 11.00 19.94
CA ASP B 163 -19.25 9.98 20.85
C ASP B 163 -18.84 8.58 20.38
N PHE B 164 -19.03 8.31 19.09
CA PHE B 164 -18.68 7.00 18.56
C PHE B 164 -17.21 6.71 18.76
N CYS B 165 -16.36 7.70 18.48
CA CYS B 165 -14.93 7.51 18.67
C CYS B 165 -14.57 7.30 20.14
N PHE B 166 -15.17 8.08 21.04
CA PHE B 166 -14.90 7.89 22.47
C PHE B 166 -15.30 6.47 22.91
N LYS B 167 -16.49 6.05 22.53
CA LYS B 167 -16.96 4.70 22.87
C LYS B 167 -16.02 3.60 22.33
N THR B 168 -15.61 3.77 21.10
CA THR B 168 -14.94 2.70 20.35
C THR B 168 -13.45 2.61 20.68
N PHE B 169 -12.83 3.75 20.92
CA PHE B 169 -11.38 3.81 21.09
C PHE B 169 -10.92 4.31 22.46
N GLY B 170 -11.82 4.95 23.20
CA GLY B 170 -11.43 5.66 24.42
C GLY B 170 -11.00 4.82 25.63
N ASN B 171 -11.24 3.51 25.61
CA ASN B 171 -10.64 2.67 26.62
C ASN B 171 -9.12 2.60 26.47
N ARG B 172 -8.64 2.91 25.28
CA ARG B 172 -7.21 2.89 24.99
C ARG B 172 -6.61 4.28 24.75
N VAL B 173 -7.38 5.13 24.05
CA VAL B 173 -6.96 6.49 23.75
C VAL B 173 -7.31 7.43 24.92
N LYS B 174 -6.30 8.09 25.46
CA LYS B 174 -6.50 8.95 26.64
C LYS B 174 -6.19 10.41 26.35
N HIS B 175 -5.72 10.70 25.13
CA HIS B 175 -5.37 12.07 24.74
C HIS B 175 -6.02 12.37 23.42
N TRP B 176 -7.07 13.20 23.45
CA TRP B 176 -7.84 13.54 22.24
C TRP B 176 -7.68 15.02 21.92
N PHE B 177 -7.87 15.34 20.64
CA PHE B 177 -8.13 16.70 20.20
C PHE B 177 -9.36 16.66 19.32
N THR B 178 -10.18 17.70 19.39
CA THR B 178 -11.35 17.79 18.53
C THR B 178 -10.92 18.25 17.13
N PHE B 179 -10.47 19.49 17.04
CA PHE B 179 -10.16 20.12 15.76
C PHE B 179 -8.71 20.48 15.60
N ASN B 180 -8.31 20.58 14.34
CA ASN B 180 -7.00 21.10 13.95
C ASN B 180 -7.12 22.44 13.23
N GLU B 181 -6.56 23.47 13.82
CA GLU B 181 -6.44 24.79 13.16
C GLU B 181 -7.74 25.30 12.53
N PRO B 182 -8.80 25.45 13.33
CA PRO B 182 -10.04 26.00 12.80
C PRO B 182 -9.85 27.39 12.17
N ARG B 183 -8.87 28.17 12.64
CA ARG B 183 -8.60 29.48 12.03
C ARG B 183 -8.28 29.36 10.55
N ILE B 184 -7.52 28.31 10.20
CA ILE B 184 -7.12 28.11 8.81
C ILE B 184 -8.29 27.67 7.94
N VAL B 185 -9.20 26.88 8.50
CA VAL B 185 -10.44 26.55 7.78
C VAL B 185 -11.23 27.83 7.52
N ALA B 186 -11.40 28.64 8.56
CA ALA B 186 -12.14 29.91 8.38
C ALA B 186 -11.44 30.81 7.37
N LEU B 187 -10.14 30.97 7.51
CA LEU B 187 -9.37 31.86 6.64
C LEU B 187 -9.34 31.37 5.18
N LEU B 188 -8.87 30.15 4.98
CA LEU B 188 -8.65 29.70 3.60
C LEU B 188 -9.91 29.20 2.91
N GLY B 189 -10.82 28.63 3.69
CA GLY B 189 -12.05 28.10 3.16
C GLY B 189 -13.15 29.12 2.93
N TYR B 190 -13.13 30.21 3.70
CA TYR B 190 -14.29 31.13 3.75
C TYR B 190 -13.95 32.62 3.63
N ASP B 191 -12.68 32.97 3.77
CA ASP B 191 -12.23 34.36 3.59
C ASP B 191 -11.56 34.47 2.22
N GLN B 192 -10.45 33.76 2.05
CA GLN B 192 -9.70 33.81 0.80
C GLN B 192 -10.31 32.88 -0.25
N GLY B 193 -10.96 31.80 0.20
CA GLY B 193 -11.61 30.85 -0.69
C GLY B 193 -10.66 30.02 -1.54
N THR B 194 -9.46 29.78 -1.04
CA THR B 194 -8.46 28.97 -1.75
C THR B 194 -8.46 27.50 -1.34
N ASN B 195 -9.02 27.19 -0.17
CA ASN B 195 -9.20 25.81 0.32
C ASN B 195 -10.70 25.47 0.30
N PRO B 196 -11.05 24.17 0.33
CA PRO B 196 -12.48 23.81 0.32
C PRO B 196 -13.20 24.42 1.53
N PRO B 197 -14.46 24.89 1.34
CA PRO B 197 -15.32 24.81 0.16
C PRO B 197 -15.12 25.91 -0.89
N LYS B 198 -14.00 26.62 -0.84
CA LYS B 198 -13.68 27.70 -1.83
C LYS B 198 -14.75 28.79 -1.84
N ARG B 199 -15.12 29.24 -0.66
CA ARG B 199 -16.11 30.31 -0.53
C ARG B 199 -15.42 31.62 -0.19
N CYS B 200 -15.92 32.69 -0.80
CA CYS B 200 -15.43 34.04 -0.55
C CYS B 200 -16.36 34.99 -1.29
N THR B 201 -16.18 36.28 -1.08
CA THR B 201 -17.06 37.27 -1.69
C THR B 201 -17.08 37.16 -3.21
N LYS B 202 -15.91 37.03 -3.83
CA LYS B 202 -15.81 36.93 -5.31
C LYS B 202 -15.95 35.51 -5.89
N CYS B 203 -16.12 34.51 -5.02
CA CYS B 203 -15.96 33.11 -5.41
C CYS B 203 -17.14 32.48 -6.17
N ALA B 204 -16.83 31.58 -7.09
CA ALA B 204 -17.85 30.86 -7.88
C ALA B 204 -18.84 30.10 -7.00
N ALA B 205 -18.34 29.48 -5.94
CA ALA B 205 -19.17 28.68 -5.04
C ALA B 205 -20.13 29.53 -4.20
N GLY B 206 -19.90 30.85 -4.19
CA GLY B 206 -20.63 31.76 -3.33
C GLY B 206 -19.77 32.14 -2.13
N GLY B 207 -20.36 32.87 -1.20
CA GLY B 207 -19.67 33.23 0.03
C GLY B 207 -19.66 34.71 0.34
N ASN B 208 -19.05 35.03 1.48
CA ASN B 208 -18.96 36.40 1.96
C ASN B 208 -17.81 36.41 2.94
N SER B 209 -16.70 37.00 2.52
CA SER B 209 -15.45 36.98 3.28
C SER B 209 -15.55 37.77 4.59
N ALA B 210 -16.57 38.62 4.71
CA ALA B 210 -16.73 39.46 5.91
C ALA B 210 -17.57 38.80 6.99
N THR B 211 -18.34 37.77 6.62
CA THR B 211 -19.27 37.16 7.58
C THR B 211 -19.01 35.68 7.83
N GLU B 212 -18.73 34.95 6.76
CA GLU B 212 -18.65 33.48 6.87
C GLU B 212 -17.50 32.98 7.76
N PRO B 213 -16.31 33.64 7.70
CA PRO B 213 -15.24 33.14 8.60
C PRO B 213 -15.67 33.15 10.07
N TYR B 214 -16.47 34.15 10.45
CA TYR B 214 -16.94 34.27 11.83
C TYR B 214 -18.01 33.25 12.19
N ILE B 215 -18.88 32.94 11.22
CA ILE B 215 -19.89 31.91 11.44
C ILE B 215 -19.20 30.57 11.64
N VAL B 216 -18.24 30.28 10.78
CA VAL B 216 -17.50 29.03 10.80
C VAL B 216 -16.72 28.83 12.11
N ALA B 217 -15.98 29.86 12.54
CA ALA B 217 -15.24 29.80 13.81
C ALA B 217 -16.19 29.53 14.97
N HIS B 218 -17.33 30.20 14.97
CA HIS B 218 -18.31 30.07 16.03
C HIS B 218 -18.80 28.64 16.10
N ASN B 219 -19.09 28.05 14.93
CA ASN B 219 -19.56 26.65 14.91
C ASN B 219 -18.48 25.66 15.32
N PHE B 220 -17.22 25.94 15.01
CA PHE B 220 -16.15 25.09 15.53
C PHE B 220 -16.11 25.17 17.05
N LEU B 221 -16.22 26.37 17.60
CA LEU B 221 -16.18 26.51 19.06
C LEU B 221 -17.35 25.81 19.74
N LEU B 222 -18.56 25.99 19.20
CA LEU B 222 -19.74 25.34 19.77
C LEU B 222 -19.68 23.82 19.62
N SER B 223 -19.15 23.35 18.50
CA SER B 223 -19.03 21.91 18.26
C SER B 223 -17.99 21.28 19.17
N HIS B 224 -16.87 21.97 19.36
CA HIS B 224 -15.87 21.54 20.33
C HIS B 224 -16.49 21.41 21.72
N ALA B 225 -17.18 22.47 22.15
CA ALA B 225 -17.76 22.47 23.51
C ALA B 225 -18.79 21.37 23.68
N ALA B 226 -19.62 21.13 22.66
CA ALA B 226 -20.61 20.04 22.72
C ALA B 226 -19.96 18.67 22.82
N ALA B 227 -18.90 18.43 22.03
CA ALA B 227 -18.19 17.13 22.06
C ALA B 227 -17.54 16.88 23.43
N VAL B 228 -16.96 17.92 23.99
CA VAL B 228 -16.32 17.81 25.31
C VAL B 228 -17.37 17.60 26.40
N ALA B 229 -18.49 18.30 26.33
CA ALA B 229 -19.59 18.06 27.27
C ALA B 229 -20.03 16.61 27.23
N ARG B 230 -20.14 16.05 26.02
CA ARG B 230 -20.46 14.64 25.87
C ARG B 230 -19.38 13.75 26.51
N TYR B 231 -18.12 14.04 26.22
CA TYR B 231 -17.03 13.26 26.84
C TYR B 231 -17.13 13.28 28.37
N ARG B 232 -17.30 14.46 28.92
CA ARG B 232 -17.26 14.63 30.37
C ARG B 232 -18.46 13.99 31.05
N THR B 233 -19.63 14.07 30.41
CA THR B 233 -20.84 13.57 31.05
C THR B 233 -21.03 12.07 30.87
N LYS B 234 -20.44 11.50 29.82
CA LYS B 234 -20.73 10.10 29.48
C LYS B 234 -19.53 9.17 29.60
N TYR B 235 -18.34 9.65 29.25
CA TYR B 235 -17.15 8.78 29.10
C TYR B 235 -16.03 8.99 30.08
N GLN B 236 -15.88 10.21 30.61
CA GLN B 236 -14.71 10.57 31.41
C GLN B 236 -14.58 9.74 32.69
N ALA B 237 -15.69 9.50 33.39
CA ALA B 237 -15.63 8.74 34.65
C ALA B 237 -14.93 7.38 34.44
N ALA B 238 -15.32 6.69 33.38
CA ALA B 238 -14.76 5.36 33.10
C ALA B 238 -13.38 5.46 32.45
N GLN B 239 -13.23 6.38 31.50
CA GLN B 239 -12.03 6.39 30.64
C GLN B 239 -10.89 7.21 31.18
N GLN B 240 -11.22 8.30 31.88
CA GLN B 240 -10.22 9.10 32.58
C GLN B 240 -9.14 9.63 31.65
N GLY B 241 -9.58 10.06 30.48
CA GLY B 241 -8.71 10.74 29.51
C GLY B 241 -9.01 12.23 29.44
N LYS B 242 -8.49 12.85 28.38
CA LYS B 242 -8.52 14.30 28.24
C LYS B 242 -8.83 14.66 26.80
N VAL B 243 -9.46 15.83 26.60
CA VAL B 243 -9.78 16.33 25.26
C VAL B 243 -9.37 17.79 25.18
N GLY B 244 -8.58 18.12 24.17
CA GLY B 244 -8.23 19.50 23.88
C GLY B 244 -8.55 19.85 22.44
N ILE B 245 -7.85 20.88 21.96
CA ILE B 245 -8.05 21.43 20.62
C ILE B 245 -6.70 21.94 20.14
N VAL B 246 -6.47 21.90 18.82
CA VAL B 246 -5.23 22.40 18.23
C VAL B 246 -5.48 23.71 17.49
N LEU B 247 -4.75 24.75 17.88
CA LEU B 247 -4.86 26.07 17.30
C LEU B 247 -3.51 26.50 16.73
N ASP B 248 -3.51 27.07 15.53
CA ASP B 248 -2.27 27.65 15.02
C ASP B 248 -2.04 29.00 15.66
N PHE B 249 -0.78 29.28 15.96
CA PHE B 249 -0.42 30.59 16.47
C PHE B 249 0.97 30.92 15.95
N ASN B 250 1.04 31.86 15.03
CA ASN B 250 2.34 32.43 14.66
C ASN B 250 2.49 33.77 15.36
N TRP B 251 3.73 34.11 15.69
CA TRP B 251 4.01 35.28 16.50
C TRP B 251 3.87 36.59 15.73
N TYR B 252 3.46 37.64 16.44
CA TYR B 252 3.44 39.00 15.88
C TYR B 252 4.24 39.88 16.80
N GLU B 253 5.18 40.60 16.22
CA GLU B 253 6.07 41.48 16.95
C GLU B 253 5.90 42.90 16.44
N ALA B 254 5.68 43.85 17.33
CA ALA B 254 5.56 45.25 16.89
C ALA B 254 6.83 45.69 16.13
N LEU B 255 6.62 46.37 15.00
CA LEU B 255 7.75 46.84 14.18
C LEU B 255 8.60 47.84 14.96
N SER B 256 7.94 48.66 15.76
CA SER B 256 8.62 49.63 16.63
C SER B 256 7.93 49.67 17.98
N ASN B 257 8.47 50.44 18.92
CA ASN B 257 7.82 50.60 20.22
C ASN B 257 6.75 51.68 20.26
N SER B 258 6.35 52.18 19.10
CA SER B 258 5.26 53.17 19.03
C SER B 258 3.95 52.58 19.55
N THR B 259 3.10 53.43 20.11
CA THR B 259 1.79 53.00 20.59
C THR B 259 1.01 52.30 19.47
N GLU B 260 1.07 52.89 18.28
CA GLU B 260 0.38 52.37 17.10
C GLU B 260 0.87 50.97 16.70
N ASP B 261 2.18 50.77 16.67
CA ASP B 261 2.72 49.46 16.24
C ASP B 261 2.50 48.39 17.31
N GLN B 262 2.65 48.75 18.60
CA GLN B 262 2.35 47.82 19.67
C GLN B 262 0.88 47.41 19.65
N ALA B 263 0.00 48.37 19.38
CA ALA B 263 -1.44 48.08 19.28
C ALA B 263 -1.72 47.14 18.11
N ALA B 264 -1.03 47.35 17.00
CA ALA B 264 -1.22 46.51 15.82
C ALA B 264 -0.80 45.09 16.10
N ALA B 265 0.38 44.91 16.71
CA ALA B 265 0.83 43.55 17.03
C ALA B 265 -0.16 42.85 17.97
N GLN B 266 -0.70 43.59 18.94
CA GLN B 266 -1.66 43.00 19.86
C GLN B 266 -3.00 42.67 19.18
N ARG B 267 -3.45 43.56 18.29
CA ARG B 267 -4.66 43.28 17.49
C ARG B 267 -4.51 41.98 16.70
N ALA B 268 -3.35 41.81 16.08
CA ALA B 268 -3.07 40.60 15.29
C ALA B 268 -3.12 39.38 16.20
N ARG B 269 -2.50 39.45 17.38
CA ARG B 269 -2.56 38.30 18.30
C ARG B 269 -4.00 37.96 18.65
N ASP B 270 -4.78 38.99 19.00
CA ASP B 270 -6.20 38.78 19.32
C ASP B 270 -7.03 38.19 18.17
N PHE B 271 -6.82 38.66 16.95
CA PHE B 271 -7.58 38.12 15.80
C PHE B 271 -7.07 36.75 15.36
N HIS B 272 -5.85 36.40 15.76
CA HIS B 272 -5.26 35.12 15.34
C HIS B 272 -5.52 34.01 16.36
N ILE B 273 -4.96 34.18 17.56
CA ILE B 273 -5.15 33.20 18.62
C ILE B 273 -6.26 33.54 19.59
N GLY B 274 -6.43 34.82 19.92
CA GLY B 274 -7.45 35.21 20.89
C GLY B 274 -8.86 34.84 20.44
N TRP B 275 -9.07 34.87 19.13
CA TRP B 275 -10.33 34.49 18.51
C TRP B 275 -10.87 33.17 19.10
N TYR B 276 -9.97 32.22 19.35
CA TYR B 276 -10.31 30.92 19.94
C TYR B 276 -9.98 30.83 21.43
N LEU B 277 -8.86 31.41 21.84
CA LEU B 277 -8.43 31.26 23.23
C LEU B 277 -9.23 32.08 24.23
N ASP B 278 -9.65 33.28 23.84
CA ASP B 278 -10.51 34.02 24.76
C ASP B 278 -11.82 33.30 25.04
N PRO B 279 -12.50 32.75 24.00
CA PRO B 279 -13.65 31.91 24.34
C PRO B 279 -13.31 30.70 25.22
N LEU B 280 -12.27 29.96 24.85
CA LEU B 280 -11.93 28.71 25.56
C LEU B 280 -11.47 28.91 26.99
N ILE B 281 -10.80 30.03 27.24
CA ILE B 281 -10.25 30.30 28.58
C ILE B 281 -11.14 31.25 29.38
N ASN B 282 -11.67 32.26 28.70
CA ASN B 282 -12.38 33.35 29.40
C ASN B 282 -13.88 33.43 29.14
N GLY B 283 -14.36 32.64 28.18
CA GLY B 283 -15.80 32.59 27.85
C GLY B 283 -16.31 33.79 27.08
N HIS B 284 -15.45 34.47 26.33
CA HIS B 284 -15.89 35.57 25.45
C HIS B 284 -14.87 35.75 24.33
N TYR B 285 -15.33 36.32 23.22
CA TYR B 285 -14.40 36.75 22.17
C TYR B 285 -13.53 37.93 22.64
N PRO B 286 -12.35 38.10 22.04
CA PRO B 286 -11.51 39.25 22.40
C PRO B 286 -12.29 40.56 22.26
N GLN B 287 -12.08 41.48 23.20
CA GLN B 287 -12.76 42.77 23.15
C GLN B 287 -12.58 43.50 21.81
N ILE B 288 -11.36 43.48 21.28
CA ILE B 288 -11.09 44.20 20.03
C ILE B 288 -11.90 43.63 18.87
N MET B 289 -12.12 42.32 18.87
CA MET B 289 -12.94 41.70 17.83
C MET B 289 -14.41 42.11 17.98
N GLN B 290 -14.89 42.15 19.23
CA GLN B 290 -16.25 42.63 19.48
C GLN B 290 -16.39 44.07 19.02
N ASP B 291 -15.37 44.89 19.29
CA ASP B 291 -15.41 46.32 18.95
C ASP B 291 -15.37 46.58 17.45
N LEU B 292 -14.56 45.81 16.73
CA LEU B 292 -14.35 46.08 15.30
C LEU B 292 -15.28 45.29 14.40
N VAL B 293 -15.56 44.04 14.76
CA VAL B 293 -16.37 43.16 13.92
C VAL B 293 -17.86 43.35 14.19
N LYS B 294 -18.18 43.78 15.41
CA LYS B 294 -19.54 44.19 15.79
C LYS B 294 -20.60 43.13 15.44
N ASP B 295 -21.63 43.50 14.69
CA ASP B 295 -22.73 42.59 14.39
C ASP B 295 -22.35 41.34 13.57
N ARG B 296 -21.16 41.38 12.96
CA ARG B 296 -20.71 40.25 12.14
C ARG B 296 -20.09 39.16 13.00
N LEU B 297 -19.84 39.47 14.26
CA LEU B 297 -19.30 38.47 15.19
C LEU B 297 -20.45 37.87 15.98
N PRO B 298 -20.68 36.55 15.83
CA PRO B 298 -21.79 35.97 16.58
C PRO B 298 -21.59 36.12 18.09
N LYS B 299 -22.69 36.13 18.83
CA LYS B 299 -22.68 36.30 20.26
C LYS B 299 -22.99 34.97 20.93
N PHE B 300 -22.11 34.51 21.82
CA PHE B 300 -22.43 33.37 22.66
C PHE B 300 -23.51 33.77 23.66
N THR B 301 -24.49 32.91 23.87
CA THR B 301 -25.40 33.10 24.99
C THR B 301 -24.61 32.83 26.27
N PRO B 302 -25.11 33.32 27.43
CA PRO B 302 -24.40 32.98 28.68
C PRO B 302 -24.18 31.47 28.86
N GLU B 303 -25.18 30.66 28.51
CA GLU B 303 -25.08 29.21 28.63
C GLU B 303 -24.01 28.64 27.70
N GLN B 304 -23.99 29.11 26.44
CA GLN B 304 -22.97 28.64 25.49
C GLN B 304 -21.58 29.04 25.94
N ALA B 305 -21.43 30.27 26.41
CA ALA B 305 -20.14 30.75 26.88
C ALA B 305 -19.65 29.91 28.05
N ARG B 306 -20.56 29.49 28.92
CA ARG B 306 -20.20 28.66 30.06
C ARG B 306 -19.84 27.24 29.63
N LEU B 307 -20.40 26.79 28.51
CA LEU B 307 -20.05 25.49 27.95
C LEU B 307 -18.67 25.52 27.27
N VAL B 308 -18.37 26.63 26.60
CA VAL B 308 -17.10 26.79 25.90
C VAL B 308 -15.95 27.05 26.86
N LYS B 309 -16.18 27.93 27.83
CA LYS B 309 -15.14 28.24 28.82
C LYS B 309 -14.72 26.98 29.58
N GLY B 310 -13.41 26.73 29.61
CA GLY B 310 -12.84 25.60 30.34
C GLY B 310 -12.99 24.27 29.63
N SER B 311 -13.44 24.29 28.37
CA SER B 311 -13.74 23.05 27.63
C SER B 311 -12.53 22.41 26.95
N ALA B 312 -11.34 22.95 27.17
CA ALA B 312 -10.12 22.31 26.66
C ALA B 312 -9.23 21.91 27.83
N ASP B 313 -8.94 20.62 27.92
CA ASP B 313 -8.09 20.11 28.99
C ASP B 313 -6.63 20.50 28.80
N TYR B 314 -6.26 20.76 27.56
CA TYR B 314 -4.95 21.36 27.24
C TYR B 314 -5.15 22.11 25.92
N ILE B 315 -4.26 23.05 25.65
CA ILE B 315 -4.32 23.81 24.42
C ILE B 315 -3.19 23.35 23.52
N GLY B 316 -3.53 22.76 22.38
CA GLY B 316 -2.52 22.44 21.37
C GLY B 316 -2.22 23.69 20.57
N ILE B 317 -0.93 24.01 20.46
CA ILE B 317 -0.48 25.14 19.66
C ILE B 317 0.44 24.62 18.56
N ASN B 318 0.07 24.92 17.31
CA ASN B 318 0.97 24.74 16.17
C ASN B 318 1.70 26.06 15.94
N GLN B 319 3.01 26.04 16.03
CA GLN B 319 3.79 27.27 16.00
C GLN B 319 4.84 27.10 14.91
N TYR B 320 4.89 28.04 13.96
CA TYR B 320 5.87 27.96 12.88
C TYR B 320 6.73 29.18 12.66
N THR B 321 6.12 30.36 12.74
CA THR B 321 6.81 31.55 12.27
C THR B 321 6.42 32.81 13.03
N ALA B 322 6.94 33.94 12.56
CA ALA B 322 6.68 35.25 13.16
C ALA B 322 6.69 36.32 12.09
N SER B 323 6.04 37.44 12.38
CA SER B 323 5.97 38.58 11.45
C SER B 323 6.09 39.84 12.27
N TYR B 324 6.64 40.89 11.67
CA TYR B 324 6.49 42.22 12.22
C TYR B 324 5.15 42.83 11.84
N MET B 325 4.59 43.64 12.75
CA MET B 325 3.34 44.34 12.50
C MET B 325 3.53 45.83 12.65
N LYS B 326 2.98 46.55 11.68
CA LYS B 326 2.93 48.01 11.67
C LYS B 326 1.48 48.44 11.79
N GLY B 327 1.28 49.50 12.57
CA GLY B 327 -0.05 49.99 12.82
C GLY B 327 -0.43 51.16 11.96
N GLN B 328 -1.58 51.71 12.31
CA GLN B 328 -2.25 52.73 11.56
C GLN B 328 -3.31 53.24 12.54
N GLN B 329 -3.87 54.41 12.28
CA GLN B 329 -4.97 54.88 13.13
C GLN B 329 -6.18 54.03 12.77
N LEU B 330 -6.86 53.48 13.78
CA LEU B 330 -8.07 52.68 13.54
C LEU B 330 -9.13 53.53 12.85
N MET B 331 -9.69 52.98 11.77
CA MET B 331 -10.64 53.70 10.91
C MET B 331 -11.99 53.01 10.88
N GLN B 332 -13.03 53.81 10.71
CA GLN B 332 -14.33 53.30 10.33
C GLN B 332 -14.23 52.91 8.86
N GLN B 333 -14.55 51.66 8.54
CA GLN B 333 -14.41 51.16 7.18
C GLN B 333 -15.55 50.20 6.83
N THR B 334 -15.93 50.17 5.54
CA THR B 334 -16.88 49.19 5.04
C THR B 334 -16.23 47.80 5.17
N PRO B 335 -16.94 46.85 5.81
CA PRO B 335 -16.35 45.52 6.03
C PRO B 335 -16.10 44.82 4.70
N THR B 336 -14.93 44.19 4.58
CA THR B 336 -14.61 43.43 3.38
C THR B 336 -14.21 42.00 3.70
N SER B 337 -13.41 41.81 4.75
CA SER B 337 -12.99 40.44 5.11
C SER B 337 -12.49 40.31 6.55
N TYR B 338 -12.52 39.08 7.05
CA TYR B 338 -11.83 38.79 8.30
C TYR B 338 -10.41 39.34 8.30
N SER B 339 -9.66 39.10 7.21
CA SER B 339 -8.27 39.55 7.12
C SER B 339 -8.12 41.08 7.24
N ALA B 340 -8.98 41.79 6.53
CA ALA B 340 -8.95 43.25 6.52
C ALA B 340 -9.44 43.85 7.85
N ASP B 341 -10.25 43.10 8.59
CA ASP B 341 -10.79 43.56 9.88
C ASP B 341 -9.71 43.87 10.92
N TRP B 342 -8.53 43.25 10.79
CA TRP B 342 -7.48 43.43 11.77
C TRP B 342 -6.93 44.85 11.74
N GLN B 343 -7.03 45.51 10.58
CA GLN B 343 -6.43 46.83 10.34
C GLN B 343 -4.95 46.87 10.75
N VAL B 344 -4.18 45.94 10.20
CA VAL B 344 -2.74 45.90 10.41
C VAL B 344 -1.99 45.80 9.08
N THR B 345 -0.69 46.10 9.14
CA THR B 345 0.21 45.98 7.99
C THR B 345 1.36 45.02 8.32
N TYR B 346 1.53 43.98 7.50
CA TYR B 346 2.59 42.99 7.67
C TYR B 346 3.91 43.54 7.16
N VAL B 347 4.97 43.32 7.91
CA VAL B 347 6.33 43.71 7.52
C VAL B 347 7.28 42.56 7.88
N PHE B 348 8.22 42.26 6.98
CA PHE B 348 9.12 41.13 7.19
C PHE B 348 10.58 41.55 7.28
N ALA B 349 10.79 42.84 7.54
CA ALA B 349 12.11 43.39 7.82
C ALA B 349 12.04 44.50 8.86
N LYS B 350 13.07 44.60 9.68
CA LYS B 350 13.20 45.69 10.63
C LYS B 350 14.62 46.19 10.57
N ASN B 351 14.80 47.51 10.55
CA ASN B 351 16.13 48.10 10.43
C ASN B 351 16.92 47.51 9.24
N GLY B 352 16.20 47.27 8.12
CA GLY B 352 16.79 46.74 6.90
C GLY B 352 17.11 45.25 6.89
N LYS B 353 16.80 44.55 7.97
CA LYS B 353 17.13 43.12 8.09
C LYS B 353 15.86 42.27 8.07
N PRO B 354 15.82 41.23 7.21
CA PRO B 354 14.67 40.33 7.25
C PRO B 354 14.51 39.68 8.62
N ILE B 355 13.26 39.42 9.00
CA ILE B 355 12.96 38.75 10.27
C ILE B 355 13.64 37.37 10.34
N GLY B 356 13.80 36.73 9.18
CA GLY B 356 14.52 35.47 9.10
C GLY B 356 14.52 35.01 7.65
N PRO B 357 15.28 33.95 7.33
CA PRO B 357 15.20 33.35 6.00
C PRO B 357 13.93 32.51 5.85
N GLN B 358 13.48 32.33 4.62
CA GLN B 358 12.27 31.53 4.37
C GLN B 358 12.63 30.08 4.14
N ALA B 359 11.74 29.19 4.59
CA ALA B 359 11.79 27.78 4.19
C ALA B 359 11.15 27.69 2.81
N ASN B 360 10.76 26.50 2.36
CA ASN B 360 10.14 26.39 1.05
C ASN B 360 8.80 27.14 0.96
N SER B 361 7.96 27.00 1.98
CA SER B 361 6.67 27.70 2.02
C SER B 361 6.92 29.20 2.22
N ASN B 362 6.31 30.02 1.36
CA ASN B 362 6.62 31.46 1.36
C ASN B 362 6.25 32.15 2.66
N TRP B 363 5.23 31.62 3.34
CA TRP B 363 4.76 32.19 4.63
C TRP B 363 5.66 31.82 5.81
N LEU B 364 6.51 30.82 5.61
CA LEU B 364 7.27 30.24 6.74
C LEU B 364 8.64 30.85 6.86
N TYR B 365 8.74 31.94 7.63
CA TYR B 365 10.03 32.55 7.95
C TYR B 365 10.62 31.85 9.18
N ILE B 366 11.89 31.52 9.12
CA ILE B 366 12.56 30.79 10.20
C ILE B 366 12.94 31.80 11.26
N VAL B 367 12.17 31.79 12.35
CA VAL B 367 12.28 32.79 13.41
C VAL B 367 12.12 32.08 14.76
N PRO B 368 13.20 31.51 15.28
CA PRO B 368 13.08 30.68 16.49
C PRO B 368 12.51 31.45 17.68
N TRP B 369 12.82 32.73 17.81
CA TRP B 369 12.29 33.50 18.93
C TRP B 369 10.75 33.71 18.90
N GLY B 370 10.13 33.41 17.77
CA GLY B 370 8.66 33.42 17.70
C GLY B 370 8.06 32.34 18.59
N MET B 371 8.78 31.23 18.75
CA MET B 371 8.33 30.16 19.64
C MET B 371 8.28 30.64 21.09
N TYR B 372 9.35 31.31 21.51
CA TYR B 372 9.37 31.91 22.84
C TYR B 372 8.25 32.94 22.96
N GLY B 373 8.13 33.81 21.95
CA GLY B 373 7.11 34.86 21.93
C GLY B 373 5.72 34.30 22.18
N CYS B 374 5.35 33.30 21.39
CA CYS B 374 4.02 32.69 21.49
C CYS B 374 3.78 32.03 22.84
N VAL B 375 4.74 31.24 23.30
CA VAL B 375 4.58 30.48 24.53
C VAL B 375 4.53 31.40 25.75
N ASN B 376 5.48 32.34 25.82
CA ASN B 376 5.44 33.34 26.87
C ASN B 376 4.15 34.15 26.88
N TYR B 377 3.66 34.50 25.70
CA TYR B 377 2.44 35.29 25.60
C TYR B 377 1.25 34.54 26.19
N ILE B 378 1.07 33.27 25.80
CA ILE B 378 -0.03 32.48 26.34
C ILE B 378 0.11 32.32 27.85
N LYS B 379 1.33 32.10 28.33
CA LYS B 379 1.60 31.97 29.77
C LYS B 379 1.09 33.21 30.50
N GLN B 380 1.49 34.38 30.01
CA GLN B 380 1.22 35.64 30.71
C GLN B 380 -0.21 36.15 30.58
N LYS B 381 -0.84 35.87 29.43
CA LYS B 381 -2.15 36.44 29.17
C LYS B 381 -3.28 35.58 29.68
N TYR B 382 -3.10 34.27 29.62
CA TYR B 382 -4.21 33.32 29.80
C TYR B 382 -4.12 32.45 31.06
N GLY B 383 -3.37 32.93 32.05
CA GLY B 383 -3.25 32.21 33.32
C GLY B 383 -2.47 30.90 33.22
N ASN B 384 -1.49 30.87 32.31
CA ASN B 384 -0.59 29.73 32.18
C ASN B 384 -1.30 28.38 32.03
N PRO B 385 -2.17 28.25 31.01
CA PRO B 385 -2.89 27.01 30.77
C PRO B 385 -1.93 25.92 30.31
N THR B 386 -2.33 24.66 30.46
CA THR B 386 -1.49 23.58 29.95
C THR B 386 -1.47 23.65 28.43
N VAL B 387 -0.26 23.75 27.89
CA VAL B 387 -0.03 23.88 26.44
C VAL B 387 0.74 22.65 25.96
N VAL B 388 0.37 22.14 24.79
CA VAL B 388 1.17 21.15 24.11
C VAL B 388 1.53 21.75 22.76
N ILE B 389 2.82 21.80 22.42
CA ILE B 389 3.18 22.24 21.08
C ILE B 389 2.86 21.06 20.18
N THR B 390 1.81 21.21 19.38
CA THR B 390 1.29 20.08 18.61
C THR B 390 1.81 20.02 17.18
N GLY B 391 2.67 20.95 16.81
CA GLY B 391 3.23 20.96 15.46
C GLY B 391 4.23 22.09 15.33
N ASN B 392 5.40 21.76 14.80
CA ASN B 392 6.46 22.73 14.55
C ASN B 392 7.43 22.06 13.60
N GLY B 393 7.86 22.79 12.57
CA GLY B 393 8.76 22.22 11.56
C GLY B 393 8.86 23.12 10.36
N MET B 394 9.57 22.65 9.34
CA MET B 394 9.82 23.46 8.14
C MET B 394 9.94 22.57 6.93
N ASP B 395 9.85 23.16 5.76
CA ASP B 395 9.83 22.37 4.53
C ASP B 395 10.98 22.65 3.58
N GLN B 396 11.35 21.56 2.90
CA GLN B 396 12.24 21.59 1.74
C GLN B 396 11.42 21.66 0.46
N PRO B 397 12.03 22.15 -0.63
CA PRO B 397 11.33 22.26 -1.91
C PRO B 397 11.33 20.92 -2.66
N ALA B 398 10.63 20.93 -3.80
CA ALA B 398 10.54 19.82 -4.72
C ALA B 398 11.84 19.60 -5.48
N ASN B 399 11.92 18.42 -6.10
CA ASN B 399 12.93 18.15 -7.13
C ASN B 399 14.37 17.97 -6.65
N LEU B 400 14.57 17.86 -5.34
CA LEU B 400 15.94 17.60 -4.85
C LEU B 400 16.31 16.12 -5.02
N SER B 401 17.59 15.82 -4.95
CA SER B 401 18.00 14.41 -4.94
C SER B 401 17.69 13.81 -3.59
N ARG B 402 17.60 12.49 -3.52
CA ARG B 402 17.42 11.81 -2.24
C ARG B 402 18.47 12.30 -1.25
N ASP B 403 19.73 12.35 -1.67
CA ASP B 403 20.78 12.70 -0.73
C ASP B 403 20.67 14.16 -0.26
N GLN B 404 20.20 15.05 -1.13
CA GLN B 404 19.90 16.43 -0.72
C GLN B 404 18.78 16.50 0.31
N TYR B 405 17.75 15.68 0.15
CA TYR B 405 16.67 15.63 1.16
C TYR B 405 17.18 15.14 2.50
N LEU B 406 18.04 14.14 2.48
CA LEU B 406 18.55 13.54 3.72
C LEU B 406 19.49 14.47 4.48
N ARG B 407 20.23 15.31 3.76
CA ARG B 407 21.18 16.19 4.44
C ARG B 407 20.49 17.49 4.79
N ASP B 408 19.50 17.40 5.68
CA ASP B 408 18.61 18.54 5.93
C ASP B 408 19.14 19.41 7.05
N THR B 409 20.33 19.97 6.80
CA THR B 409 21.04 20.72 7.84
C THR B 409 20.21 21.93 8.34
N THR B 410 19.47 22.58 7.44
CA THR B 410 18.62 23.72 7.82
C THR B 410 17.53 23.30 8.79
N ARG B 411 16.96 22.13 8.57
CA ARG B 411 15.95 21.60 9.49
C ARG B 411 16.55 21.19 10.86
N VAL B 412 17.75 20.61 10.84
CA VAL B 412 18.44 20.31 12.09
C VAL B 412 18.62 21.59 12.90
N HIS B 413 19.13 22.63 12.23
CA HIS B 413 19.29 23.96 12.85
C HIS B 413 17.94 24.51 13.35
N PHE B 414 16.89 24.36 12.55
CA PHE B 414 15.55 24.78 12.91
C PHE B 414 15.11 24.16 14.24
N TYR B 415 15.19 22.84 14.34
CA TYR B 415 14.73 22.17 15.56
C TYR B 415 15.60 22.52 16.78
N ARG B 416 16.91 22.55 16.59
CA ARG B 416 17.78 22.93 17.70
C ARG B 416 17.42 24.33 18.21
N SER B 417 17.25 25.28 17.28
CA SER B 417 16.97 26.67 17.66
C SER B 417 15.59 26.86 18.25
N TYR B 418 14.58 26.29 17.60
CA TYR B 418 13.21 26.44 18.10
C TYR B 418 13.02 25.73 19.44
N LEU B 419 13.64 24.56 19.61
CA LEU B 419 13.51 23.84 20.88
C LEU B 419 14.28 24.55 22.00
N THR B 420 15.38 25.22 21.67
CA THR B 420 16.11 26.04 22.64
C THR B 420 15.22 27.20 23.12
N GLN B 421 14.47 27.80 22.19
CA GLN B 421 13.55 28.89 22.53
C GLN B 421 12.37 28.39 23.36
N LEU B 422 11.86 27.19 23.03
CA LEU B 422 10.79 26.61 23.83
C LEU B 422 11.31 26.33 25.25
N LYS B 423 12.49 25.74 25.35
CA LYS B 423 13.11 25.46 26.65
C LYS B 423 13.24 26.74 27.48
N LYS B 424 13.61 27.84 26.83
CA LYS B 424 13.72 29.15 27.51
C LYS B 424 12.38 29.55 28.15
N ALA B 425 11.29 29.41 27.40
CA ALA B 425 9.97 29.70 27.93
C ALA B 425 9.55 28.76 29.06
N ILE B 426 9.81 27.46 28.89
CA ILE B 426 9.49 26.48 29.94
C ILE B 426 10.30 26.77 31.22
N ASP B 427 11.58 27.10 31.06
CA ASP B 427 12.42 27.38 32.21
C ASP B 427 11.95 28.63 32.96
N GLU B 428 11.26 29.53 32.24
CA GLU B 428 10.68 30.73 32.85
C GLU B 428 9.28 30.48 33.42
N GLY B 429 8.84 29.22 33.35
CA GLY B 429 7.63 28.79 34.04
C GLY B 429 6.44 28.46 33.16
N ALA B 430 6.59 28.50 31.84
CA ALA B 430 5.45 28.15 30.97
C ALA B 430 5.05 26.69 31.13
N ASN B 431 3.75 26.46 31.23
CA ASN B 431 3.18 25.15 31.52
C ASN B 431 3.03 24.33 30.24
N VAL B 432 4.16 24.04 29.60
CA VAL B 432 4.16 23.24 28.36
C VAL B 432 4.43 21.77 28.72
N ALA B 433 3.56 20.88 28.26
CA ALA B 433 3.56 19.46 28.63
C ALA B 433 4.18 18.55 27.58
N GLY B 434 4.35 19.07 26.36
CA GLY B 434 4.85 18.23 25.29
C GLY B 434 5.11 18.99 24.00
N TYR B 435 5.76 18.30 23.06
CA TYR B 435 6.19 18.90 21.80
C TYR B 435 6.15 17.86 20.69
N PHE B 436 5.54 18.23 19.57
CA PHE B 436 5.36 17.33 18.42
C PHE B 436 5.91 17.95 17.14
N ALA B 437 6.78 17.22 16.46
CA ALA B 437 7.38 17.72 15.22
C ALA B 437 6.46 17.48 14.04
N TRP B 438 6.12 18.53 13.30
CA TRP B 438 5.44 18.38 12.01
C TRP B 438 6.54 18.29 10.95
N SER B 439 6.74 17.15 10.27
CA SER B 439 5.95 15.93 10.35
C SER B 439 6.89 14.74 10.48
N LEU B 440 6.35 13.60 10.91
CA LEU B 440 7.12 12.36 10.82
C LEU B 440 7.61 12.12 9.38
N LEU B 441 6.73 12.34 8.41
CA LEU B 441 6.99 11.96 7.00
C LEU B 441 6.77 13.13 6.08
N ASP B 442 7.55 13.23 5.01
CA ASP B 442 7.10 14.04 3.87
C ASP B 442 5.73 13.53 3.46
N ASN B 443 4.83 14.45 3.10
CA ASN B 443 3.46 14.05 2.86
C ASN B 443 2.74 14.96 1.87
N PHE B 444 1.43 14.77 1.75
CA PHE B 444 0.62 15.62 0.89
C PHE B 444 0.35 16.95 1.59
N GLU B 445 1.03 17.99 1.13
CA GLU B 445 0.98 19.32 1.75
C GLU B 445 -0.10 20.20 1.09
N TRP B 446 -1.34 19.72 1.15
CA TRP B 446 -2.51 20.50 0.72
C TRP B 446 -2.34 21.14 -0.67
N LEU B 447 -2.47 22.46 -0.80
CA LEU B 447 -2.32 23.09 -2.14
C LEU B 447 -0.96 22.83 -2.80
N SER B 448 0.08 22.61 -1.98
CA SER B 448 1.42 22.38 -2.50
C SER B 448 1.62 20.93 -2.94
N GLY B 449 0.63 20.09 -2.65
CA GLY B 449 0.74 18.67 -2.99
C GLY B 449 2.06 18.09 -2.48
N TYR B 450 2.76 17.37 -3.36
CA TYR B 450 4.03 16.75 -2.97
C TYR B 450 5.24 17.63 -3.24
N THR B 451 5.01 18.92 -3.48
CA THR B 451 6.12 19.84 -3.77
C THR B 451 6.73 20.47 -2.51
N SER B 452 6.15 20.17 -1.34
CA SER B 452 6.64 20.68 -0.06
C SER B 452 6.93 19.50 0.84
N LYS B 453 8.16 19.44 1.35
CA LYS B 453 8.61 18.29 2.15
C LYS B 453 8.89 18.72 3.60
N PHE B 454 7.96 18.40 4.51
CA PHE B 454 8.06 18.76 5.92
C PHE B 454 8.63 17.65 6.82
N GLY B 455 8.88 16.47 6.28
CA GLY B 455 9.21 15.32 7.14
C GLY B 455 10.60 15.35 7.77
N ILE B 456 10.72 14.72 8.94
CA ILE B 456 12.04 14.34 9.42
C ILE B 456 12.46 13.02 8.77
N VAL B 457 11.49 12.34 8.16
CA VAL B 457 11.75 11.14 7.36
C VAL B 457 11.39 11.44 5.91
N TYR B 458 12.32 11.20 5.00
CA TYR B 458 12.10 11.36 3.58
C TYR B 458 11.21 10.23 3.04
N VAL B 459 10.25 10.60 2.19
CA VAL B 459 9.46 9.59 1.48
C VAL B 459 9.73 9.77 -0.01
N ASP B 460 10.18 8.70 -0.64
CA ASP B 460 10.35 8.70 -2.09
C ASP B 460 8.96 8.49 -2.67
N PHE B 461 8.40 9.48 -3.36
CA PHE B 461 7.00 9.35 -3.80
C PHE B 461 6.79 8.51 -5.06
N ASN B 462 7.89 7.99 -5.60
CA ASN B 462 7.79 6.98 -6.66
C ASN B 462 7.72 5.57 -6.12
N THR B 463 8.58 5.28 -5.15
CA THR B 463 8.67 3.93 -4.59
C THR B 463 7.98 3.77 -3.24
N LEU B 464 7.67 4.90 -2.60
CA LEU B 464 7.11 4.98 -1.24
C LEU B 464 8.08 4.57 -0.11
N GLU B 465 9.35 4.36 -0.47
CA GLU B 465 10.36 4.05 0.56
C GLU B 465 10.56 5.20 1.54
N ARG B 466 10.74 4.84 2.81
CA ARG B 466 11.15 5.78 3.88
C ARG B 466 12.64 5.78 4.09
N HIS B 467 13.19 6.97 4.31
CA HIS B 467 14.60 7.15 4.63
C HIS B 467 14.71 8.25 5.67
N PRO B 468 15.13 7.92 6.91
CA PRO B 468 15.33 9.00 7.88
C PRO B 468 16.33 10.07 7.41
N LYS B 469 15.97 11.33 7.61
CA LYS B 469 16.87 12.44 7.30
C LYS B 469 17.79 12.69 8.50
N ALA B 470 18.77 13.58 8.31
CA ALA B 470 19.64 13.98 9.41
C ALA B 470 18.85 14.46 10.62
N SER B 471 17.77 15.21 10.38
CA SER B 471 16.93 15.69 11.50
C SER B 471 16.29 14.56 12.31
N ALA B 472 15.94 13.45 11.66
CA ALA B 472 15.47 12.27 12.37
C ALA B 472 16.55 11.72 13.31
N TYR B 473 17.78 11.65 12.82
CA TYR B 473 18.88 11.16 13.66
C TYR B 473 19.21 12.14 14.77
N TRP B 474 18.98 13.44 14.50
CA TRP B 474 19.15 14.45 15.52
C TRP B 474 18.17 14.20 16.67
N PHE B 475 16.89 13.97 16.35
CA PHE B 475 15.91 13.62 17.37
C PHE B 475 16.29 12.33 18.09
N ARG B 476 16.73 11.33 17.35
CA ARG B 476 17.09 10.07 17.99
C ARG B 476 18.17 10.28 19.03
N ASP B 477 19.18 11.08 18.69
CA ASP B 477 20.28 11.39 19.62
C ASP B 477 19.78 12.22 20.79
N MET B 478 18.95 13.23 20.49
CA MET B 478 18.48 14.16 21.53
C MET B 478 17.62 13.43 22.56
N LEU B 479 16.79 12.50 22.07
CA LEU B 479 15.74 11.89 22.87
C LEU B 479 16.11 10.56 23.52
N LYS B 480 17.35 10.11 23.35
CA LYS B 480 17.74 8.81 23.91
C LYS B 480 17.49 8.80 25.43
N HIS B 481 16.88 7.72 25.91
CA HIS B 481 16.36 7.63 27.28
C HIS B 481 17.46 7.27 28.26
#